data_6SK2
#
_entry.id   6SK2
#
_cell.length_a   78.818
_cell.length_b   178.442
_cell.length_c   58.271
_cell.angle_alpha   90.000
_cell.angle_beta   90.000
_cell.angle_gamma   90.000
#
_symmetry.space_group_name_H-M   'P 21 21 2'
#
loop_
_entity.id
_entity.type
_entity.pdbx_description
1 polymer 'Glycylpeptide N-tetradecanoyltransferase 1'
2 polymer 'Apoptosis-inducing factor 3'
3 non-polymer GLYCEROL
4 non-polymer 'COENZYME A'
5 non-polymer TETRADECANOYL-COA
6 non-polymer 'MYRISTIC ACID'
7 water water
#
loop_
_entity_poly.entity_id
_entity_poly.type
_entity_poly.pdbx_seq_one_letter_code
_entity_poly.pdbx_strand_id
1 'polypeptide(L)'
;GGSEFSVGQGPAKTMEEASKRSYQFWDTQPVPKLGEVVNTHGPVEPDKDNIRQEPYTLPQGFTWDALDLGDRGVLKELYT
LLNENYVEDDDNMFRFDYSPEFLLWALRPPGWLPQWHCGVRVVSSRKLVGFISAIPANIHIYDTEKKMVEINFLCVHKKL
RSKRVAPVLIREITRRVHLEGIFQAVYTAGVVLPKPVGTCRYWHRSLNPRKLIEVKFSHLSRNMTMQRTMKLYRLPETPK
TAGLRPMETKDIPVVHQLLTRYLKQFHLTPVMSQEEVEHWFYPQENIIDTFVVENANGEVTDFLSFYTLPSTIMNHPTHK
SLKAAYSFYNVHTQTPLLDLMSDALVLAKMKGFDVFNALDLMENKTFLEKLKFGIGDGNLQYYLYNWKCPSMGAEKVGLV
LQ
;
A,B
2 'polypeptide(L)' (ACE)GKSFSKPR D,F
#
# COMPACT_ATOMS: atom_id res chain seq x y z
N PRO A 11 4.14 24.98 -24.62
CA PRO A 11 4.80 24.72 -23.33
C PRO A 11 6.02 25.60 -23.09
N ALA A 12 6.23 26.02 -21.84
CA ALA A 12 7.33 26.90 -21.48
C ALA A 12 8.50 26.11 -20.92
N LYS A 13 9.71 26.51 -21.30
CA LYS A 13 10.94 25.92 -20.80
C LYS A 13 11.59 26.75 -19.69
N THR A 14 11.53 28.07 -19.79
CA THR A 14 12.06 28.94 -18.75
C THR A 14 10.94 29.35 -17.78
N MET A 15 11.32 29.57 -16.53
CA MET A 15 10.34 29.96 -15.52
C MET A 15 9.79 31.35 -15.79
N GLU A 16 10.64 32.29 -16.22
CA GLU A 16 10.16 33.61 -16.56
C GLU A 16 9.22 33.57 -17.77
N GLU A 17 9.55 32.73 -18.76
CA GLU A 17 8.67 32.56 -19.92
C GLU A 17 7.35 31.92 -19.54
N ALA A 18 7.29 31.20 -18.41
CA ALA A 18 6.08 30.52 -17.99
C ALA A 18 5.13 31.43 -17.23
N SER A 19 5.63 32.51 -16.63
CA SER A 19 4.76 33.43 -15.90
C SER A 19 4.03 34.40 -16.81
N LYS A 20 4.38 34.45 -18.10
CA LYS A 20 3.56 35.12 -19.10
C LYS A 20 2.45 34.23 -19.61
N ARG A 21 2.44 32.95 -19.22
CA ARG A 21 1.50 31.96 -19.70
C ARG A 21 0.32 31.82 -18.74
N SER A 22 -0.84 31.48 -19.28
CA SER A 22 -2.02 31.17 -18.50
C SER A 22 -2.27 29.67 -18.56
N TYR A 23 -2.63 29.09 -17.43
CA TYR A 23 -2.73 27.64 -17.29
C TYR A 23 -4.19 27.27 -17.05
N GLN A 24 -4.92 27.05 -18.15
CA GLN A 24 -6.37 26.83 -18.06
C GLN A 24 -6.69 25.56 -17.29
N PHE A 25 -5.84 24.54 -17.41
CA PHE A 25 -6.05 23.32 -16.64
C PHE A 25 -5.42 23.40 -15.25
N TRP A 26 -4.15 23.81 -15.16
CA TRP A 26 -3.48 23.70 -13.87
C TRP A 26 -4.04 24.67 -12.83
N ASP A 27 -4.61 25.79 -13.28
CA ASP A 27 -5.30 26.69 -12.35
C ASP A 27 -6.46 26.00 -11.63
N THR A 28 -7.04 24.95 -12.23
CA THR A 28 -8.14 24.25 -11.58
C THR A 28 -7.67 23.20 -10.57
N GLN A 29 -6.37 22.92 -10.50
CA GLN A 29 -5.83 21.81 -9.75
C GLN A 29 -5.28 22.28 -8.41
N PRO A 30 -5.23 21.40 -7.43
CA PRO A 30 -4.66 21.80 -6.15
C PRO A 30 -3.14 21.78 -6.17
N VAL A 31 -2.58 22.74 -6.89
CA VAL A 31 -1.13 23.00 -6.88
C VAL A 31 -0.92 24.50 -6.65
N PRO A 32 0.20 24.90 -6.06
CA PRO A 32 0.46 26.34 -5.88
C PRO A 32 0.57 27.04 -7.23
N LYS A 33 0.22 28.32 -7.25
CA LYS A 33 0.40 29.12 -8.46
C LYS A 33 1.87 29.42 -8.67
N LEU A 34 2.26 29.49 -9.95
CA LEU A 34 3.65 29.79 -10.31
C LEU A 34 4.15 31.06 -9.62
N GLY A 35 3.29 32.06 -9.48
CA GLY A 35 3.75 33.34 -8.96
C GLY A 35 3.87 33.40 -7.45
N GLU A 36 3.04 32.65 -6.73
CA GLU A 36 3.01 32.73 -5.28
C GLU A 36 4.28 32.12 -4.68
N VAL A 37 4.63 32.59 -3.49
CA VAL A 37 5.72 32.03 -2.71
C VAL A 37 5.13 31.19 -1.59
N VAL A 38 5.72 30.03 -1.33
CA VAL A 38 5.17 29.05 -0.40
C VAL A 38 5.98 29.09 0.89
N ASN A 39 5.31 29.43 1.99
CA ASN A 39 5.93 29.46 3.31
C ASN A 39 5.31 28.44 4.27
N THR A 40 4.47 27.54 3.78
CA THR A 40 3.79 26.55 4.59
C THR A 40 4.24 25.13 4.21
N HIS A 41 3.81 24.16 5.01
CA HIS A 41 4.04 22.74 4.74
C HIS A 41 2.73 22.00 4.97
N GLY A 42 2.09 21.55 3.88
CA GLY A 42 0.90 20.75 4.01
C GLY A 42 0.09 20.62 2.74
N PRO A 43 -1.07 19.95 2.84
CA PRO A 43 -1.90 19.76 1.65
C PRO A 43 -2.49 21.07 1.14
N VAL A 44 -2.64 21.14 -0.19
CA VAL A 44 -3.33 22.26 -0.80
C VAL A 44 -4.81 22.26 -0.42
N GLU A 45 -5.41 21.06 -0.35
CA GLU A 45 -6.82 20.92 -0.02
C GLU A 45 -7.02 19.66 0.81
N PRO A 46 -8.07 19.61 1.62
CA PRO A 46 -8.32 18.42 2.44
C PRO A 46 -8.65 17.22 1.56
N ASP A 47 -8.40 16.04 2.10
CA ASP A 47 -8.77 14.81 1.44
C ASP A 47 -10.27 14.79 1.17
N LYS A 48 -10.65 14.17 0.06
CA LYS A 48 -12.05 14.02 -0.29
C LYS A 48 -12.57 12.74 0.35
N ASP A 49 -13.76 12.80 0.94
CA ASP A 49 -14.34 11.60 1.52
C ASP A 49 -15.52 11.06 0.71
N ASN A 50 -15.75 11.61 -0.48
CA ASN A 50 -16.52 10.92 -1.50
C ASN A 50 -15.85 11.16 -2.84
N ILE A 51 -15.71 10.10 -3.62
CA ILE A 51 -14.96 10.14 -4.87
C ILE A 51 -15.90 9.79 -6.01
N ARG A 52 -15.82 10.56 -7.08
CA ARG A 52 -16.56 10.28 -8.32
C ARG A 52 -16.39 8.82 -8.73
N GLN A 53 -17.50 8.12 -8.90
CA GLN A 53 -17.45 6.70 -9.21
C GLN A 53 -17.29 6.38 -10.68
N GLU A 54 -17.61 7.33 -11.54
CA GLU A 54 -17.63 7.11 -12.98
C GLU A 54 -16.37 7.66 -13.64
N PRO A 55 -15.84 6.95 -14.61
CA PRO A 55 -14.71 7.49 -15.38
C PRO A 55 -15.11 8.79 -16.08
N TYR A 56 -14.15 9.71 -16.18
CA TYR A 56 -14.39 10.92 -16.95
C TYR A 56 -14.66 10.57 -18.41
N THR A 57 -15.45 11.42 -19.07
CA THR A 57 -15.81 11.22 -20.47
C THR A 57 -14.66 11.58 -21.40
N LEU A 58 -14.36 10.67 -22.34
CA LEU A 58 -13.43 10.92 -23.42
C LEU A 58 -14.17 11.46 -24.63
N PRO A 59 -13.46 12.12 -25.55
CA PRO A 59 -14.10 12.50 -26.83
C PRO A 59 -14.75 11.29 -27.48
N GLN A 60 -15.76 11.57 -28.31
CA GLN A 60 -16.47 10.50 -29.01
C GLN A 60 -15.50 9.66 -29.82
N GLY A 61 -15.69 8.34 -29.78
CA GLY A 61 -14.87 7.42 -30.53
C GLY A 61 -13.68 6.82 -29.79
N PHE A 62 -13.48 7.17 -28.51
CA PHE A 62 -12.37 6.69 -27.72
C PHE A 62 -12.89 6.10 -26.42
N THR A 63 -12.17 5.11 -25.89
CA THR A 63 -12.59 4.43 -24.67
C THR A 63 -11.40 4.18 -23.77
N TRP A 64 -11.67 4.14 -22.46
CA TRP A 64 -10.69 3.70 -21.49
C TRP A 64 -10.44 2.21 -21.64
N ASP A 65 -9.20 1.81 -21.37
CA ASP A 65 -8.86 0.39 -21.27
C ASP A 65 -7.68 0.27 -20.32
N ALA A 66 -7.87 -0.46 -19.24
CA ALA A 66 -6.77 -0.75 -18.33
C ALA A 66 -5.89 -1.82 -18.97
N LEU A 67 -4.59 -1.57 -19.01
CA LEU A 67 -3.69 -2.42 -19.79
C LEU A 67 -3.08 -3.50 -18.88
N ASP A 68 -3.30 -4.75 -19.24
CA ASP A 68 -2.67 -5.88 -18.56
C ASP A 68 -1.27 -6.05 -19.14
N LEU A 69 -0.28 -5.48 -18.48
CA LEU A 69 1.08 -5.55 -19.00
C LEU A 69 1.67 -6.96 -18.87
N GLY A 70 0.98 -7.86 -18.16
CA GLY A 70 1.33 -9.27 -18.16
C GLY A 70 0.93 -10.00 -19.44
N ASP A 71 0.12 -9.37 -20.28
CA ASP A 71 -0.18 -9.89 -21.60
C ASP A 71 0.87 -9.35 -22.56
N ARG A 72 1.64 -10.26 -23.18
CA ARG A 72 2.77 -9.85 -24.00
C ARG A 72 2.31 -8.95 -25.15
N GLY A 73 1.16 -9.26 -25.75
CA GLY A 73 0.66 -8.43 -26.84
C GLY A 73 0.33 -7.03 -26.39
N VAL A 74 -0.33 -6.90 -25.24
CA VAL A 74 -0.69 -5.58 -24.73
C VAL A 74 0.56 -4.78 -24.36
N LEU A 75 1.51 -5.42 -23.67
CA LEU A 75 2.77 -4.75 -23.36
C LEU A 75 3.41 -4.22 -24.62
N LYS A 76 3.37 -5.00 -25.71
CA LYS A 76 3.99 -4.56 -26.95
C LYS A 76 3.27 -3.37 -27.55
N GLU A 77 1.94 -3.31 -27.41
CA GLU A 77 1.19 -2.14 -27.86
C GLU A 77 1.65 -0.88 -27.13
N LEU A 78 1.82 -0.99 -25.81
CA LEU A 78 2.34 0.15 -25.05
C LEU A 78 3.75 0.48 -25.49
N TYR A 79 4.62 -0.53 -25.64
CA TYR A 79 5.96 -0.25 -26.15
C TYR A 79 5.90 0.56 -27.44
N THR A 80 4.99 0.18 -28.35
CA THR A 80 4.92 0.87 -29.63
C THR A 80 4.36 2.28 -29.48
N LEU A 81 3.32 2.46 -28.66
CA LEU A 81 2.81 3.81 -28.43
C LEU A 81 3.92 4.74 -27.98
N LEU A 82 4.69 4.28 -26.99
CA LEU A 82 5.76 5.11 -26.44
C LEU A 82 6.91 5.22 -27.41
N ASN A 83 7.25 4.12 -28.09
CA ASN A 83 8.34 4.19 -29.04
C ASN A 83 8.07 5.20 -30.15
N GLU A 84 6.80 5.41 -30.49
CA GLU A 84 6.45 6.31 -31.60
C GLU A 84 6.00 7.69 -31.15
N ASN A 85 5.61 7.87 -29.89
CA ASN A 85 4.95 9.11 -29.50
C ASN A 85 5.41 9.70 -28.17
N TYR A 86 6.42 9.13 -27.54
CA TYR A 86 6.81 9.61 -26.21
C TYR A 86 7.86 10.72 -26.38
N VAL A 87 8.64 10.97 -25.34
CA VAL A 87 9.36 12.24 -25.22
C VAL A 87 10.48 12.32 -26.24
N GLU A 88 10.57 13.46 -26.92
CA GLU A 88 11.65 13.77 -27.84
C GLU A 88 12.47 14.95 -27.30
N ASP A 89 13.69 15.07 -27.82
CA ASP A 89 14.48 16.25 -27.53
C ASP A 89 13.89 17.47 -28.22
N ASP A 90 14.46 18.65 -27.92
CA ASP A 90 13.94 19.90 -28.45
C ASP A 90 13.99 19.96 -29.97
N ASP A 91 15.00 19.36 -30.59
CA ASP A 91 15.14 19.45 -32.03
C ASP A 91 14.44 18.32 -32.76
N ASN A 92 13.74 17.45 -32.05
CA ASN A 92 13.03 16.32 -32.67
C ASN A 92 13.99 15.42 -33.46
N MET A 93 15.13 15.12 -32.82
CA MET A 93 16.12 14.21 -33.38
C MET A 93 16.22 12.88 -32.63
N PHE A 94 15.77 12.85 -31.37
CA PHE A 94 15.90 11.68 -30.52
C PHE A 94 14.61 11.46 -29.74
N ARG A 95 14.22 10.20 -29.55
CA ARG A 95 13.00 9.85 -28.83
C ARG A 95 13.28 8.66 -27.93
N PHE A 96 12.80 8.73 -26.68
CA PHE A 96 13.07 7.63 -25.76
C PHE A 96 12.53 6.34 -26.33
N ASP A 97 13.24 5.25 -26.09
CA ASP A 97 12.86 3.94 -26.59
C ASP A 97 12.87 2.94 -25.42
N TYR A 98 11.97 3.16 -24.45
CA TYR A 98 11.82 2.22 -23.33
C TYR A 98 11.50 0.83 -23.83
N SER A 99 12.24 -0.16 -23.36
CA SER A 99 12.01 -1.52 -23.79
C SER A 99 10.79 -2.13 -23.07
N PRO A 100 10.19 -3.18 -23.64
CA PRO A 100 9.07 -3.82 -22.95
C PRO A 100 9.42 -4.31 -21.56
N GLU A 101 10.58 -4.93 -21.42
N GLU A 101 10.57 -4.96 -21.39
CA GLU A 101 11.00 -5.48 -20.12
CA GLU A 101 10.92 -5.47 -20.06
C GLU A 101 11.28 -4.36 -19.13
C GLU A 101 11.26 -4.35 -19.10
N PHE A 102 11.84 -3.24 -19.60
CA PHE A 102 12.02 -2.05 -18.74
C PHE A 102 10.66 -1.50 -18.30
N LEU A 103 9.70 -1.45 -19.21
CA LEU A 103 8.37 -0.98 -18.83
C LEU A 103 7.76 -1.84 -17.72
N LEU A 104 7.97 -3.16 -17.78
CA LEU A 104 7.49 -4.03 -16.70
C LEU A 104 8.17 -3.69 -15.38
N TRP A 105 9.47 -3.44 -15.42
CA TRP A 105 10.21 -3.02 -14.23
C TRP A 105 9.65 -1.72 -13.67
N ALA A 106 9.47 -0.73 -14.55
CA ALA A 106 8.99 0.56 -14.09
C ALA A 106 7.55 0.53 -13.62
N LEU A 107 6.72 -0.34 -14.20
CA LEU A 107 5.27 -0.25 -13.99
C LEU A 107 4.69 -1.33 -13.10
N ARG A 108 5.43 -2.38 -12.77
CA ARG A 108 4.96 -3.38 -11.82
C ARG A 108 5.90 -3.50 -10.62
N PRO A 109 6.23 -2.39 -9.95
CA PRO A 109 6.95 -2.51 -8.69
C PRO A 109 6.00 -2.97 -7.61
N PRO A 110 6.48 -3.22 -6.40
CA PRO A 110 5.58 -3.68 -5.34
C PRO A 110 4.45 -2.70 -5.11
N GLY A 111 3.23 -3.23 -5.00
CA GLY A 111 2.05 -2.41 -4.80
C GLY A 111 1.37 -1.96 -6.07
N TRP A 112 1.88 -2.33 -7.25
CA TRP A 112 1.30 -1.86 -8.50
C TRP A 112 -0.15 -2.33 -8.60
N LEU A 113 -0.98 -1.51 -9.23
CA LEU A 113 -2.41 -1.80 -9.36
C LEU A 113 -2.83 -1.75 -10.81
N PRO A 114 -3.66 -2.71 -11.24
CA PRO A 114 -4.02 -2.77 -12.68
C PRO A 114 -4.78 -1.55 -13.18
N GLN A 115 -5.66 -0.97 -12.37
CA GLN A 115 -6.42 0.20 -12.81
C GLN A 115 -5.53 1.42 -12.97
N TRP A 116 -4.31 1.39 -12.43
CA TRP A 116 -3.38 2.48 -12.56
C TRP A 116 -2.51 2.39 -13.83
N HIS A 117 -2.75 1.41 -14.70
CA HIS A 117 -2.13 1.38 -16.04
C HIS A 117 -3.23 1.79 -17.01
N CYS A 118 -3.38 3.09 -17.19
CA CYS A 118 -4.60 3.69 -17.73
C CYS A 118 -4.40 4.02 -19.20
N GLY A 119 -4.88 3.14 -20.08
CA GLY A 119 -4.81 3.37 -21.52
C GLY A 119 -6.11 3.93 -22.12
N VAL A 120 -5.95 4.54 -23.30
CA VAL A 120 -7.06 5.03 -24.12
C VAL A 120 -6.96 4.39 -25.49
N ARG A 121 -8.06 3.82 -25.98
CA ARG A 121 -8.09 3.15 -27.28
C ARG A 121 -9.14 3.78 -28.20
N VAL A 122 -8.88 3.70 -29.50
CA VAL A 122 -9.89 4.01 -30.51
C VAL A 122 -10.95 2.91 -30.50
N VAL A 123 -12.21 3.31 -30.41
CA VAL A 123 -13.26 2.31 -30.26
C VAL A 123 -13.26 1.33 -31.43
N SER A 124 -13.20 1.86 -32.65
CA SER A 124 -13.35 1.02 -33.84
C SER A 124 -12.12 0.14 -34.06
N SER A 125 -10.94 0.75 -34.17
CA SER A 125 -9.74 0.00 -34.51
C SER A 125 -9.10 -0.69 -33.31
N ARG A 126 -9.42 -0.28 -32.09
CA ARG A 126 -8.80 -0.72 -30.84
C ARG A 126 -7.37 -0.20 -30.69
N LYS A 127 -6.88 0.63 -31.61
CA LYS A 127 -5.52 1.15 -31.54
C LYS A 127 -5.29 1.91 -30.24
N LEU A 128 -4.15 1.63 -29.61
CA LEU A 128 -3.78 2.33 -28.39
C LEU A 128 -3.26 3.71 -28.74
N VAL A 129 -3.87 4.76 -28.19
CA VAL A 129 -3.52 6.13 -28.54
C VAL A 129 -3.25 7.02 -27.32
N GLY A 130 -3.32 6.48 -26.10
CA GLY A 130 -3.09 7.31 -24.93
C GLY A 130 -2.74 6.44 -23.75
N PHE A 131 -1.99 7.01 -22.80
CA PHE A 131 -1.62 6.25 -21.61
C PHE A 131 -1.21 7.21 -20.51
N ILE A 132 -1.43 6.77 -19.27
CA ILE A 132 -0.86 7.41 -18.10
C ILE A 132 -0.78 6.33 -17.03
N SER A 133 0.20 6.44 -16.14
CA SER A 133 0.37 5.42 -15.10
C SER A 133 0.59 6.07 -13.75
N ALA A 134 0.19 5.34 -12.70
CA ALA A 134 0.57 5.62 -11.33
C ALA A 134 1.21 4.38 -10.73
N ILE A 135 2.23 4.57 -9.90
CA ILE A 135 2.72 3.49 -9.06
C ILE A 135 2.76 4.04 -7.64
N PRO A 136 2.56 3.22 -6.61
CA PRO A 136 2.59 3.76 -5.25
C PRO A 136 4.02 3.96 -4.78
N ALA A 137 4.19 4.96 -3.91
CA ALA A 137 5.52 5.22 -3.35
C ALA A 137 5.38 6.00 -2.06
N ASN A 138 6.11 5.59 -1.04
CA ASN A 138 6.18 6.38 0.19
C ASN A 138 7.26 7.45 0.00
N ILE A 139 6.90 8.70 0.27
CA ILE A 139 7.72 9.84 -0.08
C ILE A 139 8.01 10.64 1.17
N HIS A 140 9.29 10.93 1.40
N HIS A 140 9.29 10.95 1.39
CA HIS A 140 9.70 11.83 2.47
CA HIS A 140 9.71 11.83 2.45
C HIS A 140 9.87 13.21 1.85
C HIS A 140 9.88 13.22 1.87
N ILE A 141 9.15 14.20 2.40
CA ILE A 141 9.22 15.57 1.92
C ILE A 141 9.43 16.46 3.13
N TYR A 142 10.62 17.03 3.24
CA TYR A 142 11.06 17.75 4.44
C TYR A 142 10.77 16.90 5.67
N ASP A 143 9.94 17.38 6.58
CA ASP A 143 9.69 16.66 7.83
C ASP A 143 8.50 15.71 7.76
N THR A 144 7.97 15.43 6.57
CA THR A 144 6.77 14.62 6.43
C THR A 144 7.02 13.40 5.55
N GLU A 145 6.50 12.26 6.00
CA GLU A 145 6.47 11.02 5.23
C GLU A 145 5.04 10.79 4.79
N LYS A 146 4.82 10.70 3.48
CA LYS A 146 3.49 10.52 2.92
C LYS A 146 3.47 9.34 1.96
N LYS A 147 2.39 8.57 2.02
CA LYS A 147 2.07 7.66 0.94
C LYS A 147 1.54 8.48 -0.23
N MET A 148 2.12 8.27 -1.41
CA MET A 148 1.80 9.03 -2.61
C MET A 148 1.76 8.06 -3.79
N VAL A 149 1.56 8.60 -4.98
CA VAL A 149 1.85 7.89 -6.20
C VAL A 149 2.87 8.69 -7.01
N GLU A 150 3.57 7.97 -7.87
CA GLU A 150 4.44 8.55 -8.88
C GLU A 150 3.73 8.42 -10.23
N ILE A 151 3.50 9.55 -10.89
CA ILE A 151 2.86 9.58 -12.20
C ILE A 151 3.94 9.59 -13.26
N ASN A 152 3.78 8.75 -14.28
CA ASN A 152 4.79 8.62 -15.32
C ASN A 152 4.11 8.19 -16.61
N PHE A 153 4.85 8.33 -17.71
CA PHE A 153 4.46 7.77 -19.01
C PHE A 153 3.15 8.37 -19.54
N LEU A 154 2.88 9.63 -19.21
CA LEU A 154 1.75 10.31 -19.83
C LEU A 154 2.08 10.51 -21.31
N CYS A 155 1.25 9.95 -22.18
CA CYS A 155 1.51 9.93 -23.60
C CYS A 155 0.20 10.01 -24.37
N VAL A 156 0.13 10.93 -25.32
CA VAL A 156 -0.99 11.07 -26.25
C VAL A 156 -0.42 10.91 -27.65
N HIS A 157 -1.05 10.07 -28.46
CA HIS A 157 -0.60 9.89 -29.83
C HIS A 157 -0.48 11.24 -30.53
N LYS A 158 0.56 11.38 -31.36
CA LYS A 158 0.79 12.64 -32.09
C LYS A 158 -0.45 13.09 -32.85
N LYS A 159 -1.24 12.15 -33.36
CA LYS A 159 -2.44 12.53 -34.10
C LYS A 159 -3.56 13.06 -33.21
N LEU A 160 -3.52 12.78 -31.91
CA LEU A 160 -4.54 13.26 -30.98
C LEU A 160 -4.12 14.48 -30.19
N ARG A 161 -2.98 15.10 -30.52
CA ARG A 161 -2.45 16.16 -29.66
C ARG A 161 -3.25 17.45 -29.80
N SER A 162 -3.13 18.31 -28.78
CA SER A 162 -3.74 19.64 -28.78
C SER A 162 -5.26 19.56 -28.85
N LYS A 163 -5.82 18.48 -28.30
CA LYS A 163 -7.25 18.21 -28.31
C LYS A 163 -7.80 17.97 -26.91
N ARG A 164 -7.15 18.52 -25.88
N ARG A 164 -7.13 18.51 -25.89
CA ARG A 164 -7.62 18.46 -24.50
CA ARG A 164 -7.54 18.46 -24.49
C ARG A 164 -7.63 17.04 -23.93
C ARG A 164 -7.64 17.05 -23.94
N VAL A 165 -6.90 16.10 -24.53
CA VAL A 165 -6.94 14.72 -24.05
C VAL A 165 -6.08 14.53 -22.79
N ALA A 166 -4.93 15.21 -22.72
CA ALA A 166 -4.06 15.04 -21.56
C ALA A 166 -4.73 15.45 -20.24
N PRO A 167 -5.47 16.57 -20.16
CA PRO A 167 -6.21 16.86 -18.94
C PRO A 167 -7.18 15.77 -18.54
N VAL A 168 -7.79 15.08 -19.50
CA VAL A 168 -8.69 13.99 -19.14
C VAL A 168 -7.91 12.83 -18.55
N LEU A 169 -6.76 12.51 -19.15
CA LEU A 169 -5.93 11.45 -18.59
C LEU A 169 -5.49 11.81 -17.18
N ILE A 170 -5.16 13.06 -16.93
CA ILE A 170 -4.71 13.45 -15.59
C ILE A 170 -5.85 13.33 -14.59
N ARG A 171 -7.03 13.85 -14.95
N ARG A 171 -7.02 13.86 -14.94
CA ARG A 171 -8.16 13.79 -14.03
CA ARG A 171 -8.16 13.77 -14.02
C ARG A 171 -8.60 12.35 -13.79
C ARG A 171 -8.56 12.33 -13.77
N GLU A 172 -8.51 11.49 -14.81
CA GLU A 172 -8.91 10.10 -14.64
C GLU A 172 -7.92 9.35 -13.75
N ILE A 173 -6.61 9.56 -13.92
CA ILE A 173 -5.69 8.87 -13.01
C ILE A 173 -5.83 9.43 -11.59
N THR A 174 -6.07 10.73 -11.46
CA THR A 174 -6.32 11.32 -10.15
C THR A 174 -7.49 10.64 -9.46
N ARG A 175 -8.58 10.46 -10.20
CA ARG A 175 -9.76 9.82 -9.66
C ARG A 175 -9.45 8.41 -9.21
N ARG A 176 -8.73 7.64 -10.04
CA ARG A 176 -8.46 6.26 -9.71
C ARG A 176 -7.50 6.14 -8.54
N VAL A 177 -6.66 7.15 -8.34
CA VAL A 177 -5.78 7.14 -7.18
C VAL A 177 -6.55 7.55 -5.93
N HIS A 178 -7.39 8.58 -6.07
CA HIS A 178 -8.28 8.97 -4.98
C HIS A 178 -9.11 7.80 -4.47
N LEU A 179 -9.57 6.92 -5.37
CA LEU A 179 -10.38 5.80 -4.93
C LEU A 179 -9.62 4.89 -3.97
N GLU A 180 -8.30 4.85 -4.09
CA GLU A 180 -7.46 4.00 -3.24
C GLU A 180 -6.99 4.71 -1.98
N GLY A 181 -7.49 5.91 -1.70
CA GLY A 181 -7.17 6.60 -0.48
C GLY A 181 -5.93 7.47 -0.50
N ILE A 182 -5.38 7.76 -1.67
CA ILE A 182 -4.14 8.53 -1.79
C ILE A 182 -4.45 9.90 -2.38
N PHE A 183 -3.90 10.95 -1.78
CA PHE A 183 -4.24 12.32 -2.18
C PHE A 183 -3.05 13.19 -2.53
N GLN A 184 -1.84 12.64 -2.62
CA GLN A 184 -0.68 13.37 -3.07
C GLN A 184 0.04 12.57 -4.13
N ALA A 185 0.75 13.27 -4.99
CA ALA A 185 1.54 12.62 -6.03
C ALA A 185 2.81 13.42 -6.26
N VAL A 186 3.82 12.73 -6.78
CA VAL A 186 5.05 13.35 -7.27
C VAL A 186 5.21 12.99 -8.74
N TYR A 187 5.76 13.92 -9.52
CA TYR A 187 5.98 13.72 -10.95
C TYR A 187 7.04 14.70 -11.42
N THR A 188 7.64 14.40 -12.58
CA THR A 188 8.62 15.27 -13.22
C THR A 188 8.17 15.63 -14.62
N ALA A 189 8.62 16.81 -15.09
CA ALA A 189 8.37 17.26 -16.46
C ALA A 189 9.55 18.08 -16.97
N GLY A 190 9.77 18.02 -18.27
CA GLY A 190 10.68 18.94 -18.92
C GLY A 190 10.12 20.33 -19.14
N VAL A 191 8.81 20.51 -18.96
CA VAL A 191 8.17 21.80 -19.11
C VAL A 191 7.96 22.40 -17.73
N VAL A 192 7.84 23.73 -17.68
CA VAL A 192 7.54 24.43 -16.45
C VAL A 192 6.02 24.50 -16.27
N LEU A 193 5.55 24.07 -15.11
CA LEU A 193 4.15 24.01 -14.74
C LEU A 193 3.99 24.60 -13.34
N PRO A 194 2.77 24.94 -12.94
CA PRO A 194 2.60 25.26 -11.52
C PRO A 194 2.72 23.99 -10.68
N LYS A 195 3.64 23.88 -9.72
CA LYS A 195 4.76 24.80 -9.49
C LYS A 195 5.93 23.94 -9.02
N PRO A 196 7.11 24.11 -9.62
CA PRO A 196 8.22 23.20 -9.30
C PRO A 196 8.63 23.26 -7.84
N VAL A 197 8.78 22.09 -7.23
CA VAL A 197 9.42 22.01 -5.92
C VAL A 197 10.93 21.99 -6.06
N GLY A 198 11.44 21.64 -7.24
CA GLY A 198 12.87 21.59 -7.48
C GLY A 198 13.13 21.53 -8.97
N THR A 199 14.23 22.12 -9.41
CA THR A 199 14.60 22.16 -10.82
C THR A 199 15.97 21.53 -10.96
N CYS A 200 16.05 20.43 -11.70
CA CYS A 200 17.31 19.75 -11.94
C CYS A 200 17.70 19.86 -13.40
N ARG A 201 18.97 19.56 -13.66
CA ARG A 201 19.55 19.73 -14.98
C ARG A 201 20.27 18.45 -15.36
N TYR A 202 19.97 17.93 -16.54
CA TYR A 202 20.72 16.79 -17.06
C TYR A 202 22.11 17.21 -17.53
N TRP A 203 23.10 16.38 -17.21
CA TRP A 203 24.45 16.45 -17.74
C TRP A 203 24.76 15.14 -18.46
N HIS A 204 25.73 15.18 -19.36
CA HIS A 204 26.04 14.05 -20.21
C HIS A 204 27.54 13.81 -20.26
N ARG A 205 27.92 12.53 -20.14
CA ARG A 205 29.32 12.11 -20.21
C ARG A 205 29.47 11.21 -21.42
N SER A 206 30.18 11.71 -22.44
CA SER A 206 30.42 10.94 -23.67
C SER A 206 31.17 9.65 -23.37
N LEU A 207 30.70 8.56 -23.95
CA LEU A 207 31.43 7.30 -23.87
C LEU A 207 31.91 6.84 -25.22
N ASN A 208 31.12 7.07 -26.27
CA ASN A 208 31.51 6.83 -27.66
C ASN A 208 31.42 8.16 -28.38
N PRO A 209 32.41 9.04 -28.19
CA PRO A 209 32.28 10.41 -28.74
C PRO A 209 32.06 10.43 -30.23
N ARG A 210 32.70 9.50 -30.96
CA ARG A 210 32.55 9.46 -32.41
C ARG A 210 31.09 9.34 -32.80
N LYS A 211 30.43 8.27 -32.33
CA LYS A 211 29.02 8.06 -32.63
C LYS A 211 28.17 9.26 -32.20
N LEU A 212 28.42 9.79 -31.01
CA LEU A 212 27.64 10.93 -30.53
C LEU A 212 27.75 12.11 -31.48
N ILE A 213 28.93 12.35 -32.05
CA ILE A 213 29.12 13.47 -32.96
C ILE A 213 28.49 13.19 -34.32
N GLU A 214 28.66 11.98 -34.84
CA GLU A 214 28.11 11.63 -36.14
C GLU A 214 26.59 11.76 -36.16
N VAL A 215 25.92 11.42 -35.06
CA VAL A 215 24.47 11.54 -34.98
C VAL A 215 24.04 12.91 -34.46
N LYS A 216 24.98 13.81 -34.21
CA LYS A 216 24.70 15.17 -33.74
C LYS A 216 23.98 15.19 -32.40
N PHE A 217 24.30 14.22 -31.54
CA PHE A 217 23.90 14.33 -30.14
C PHE A 217 24.79 15.35 -29.43
N SER A 218 26.08 15.32 -29.72
CA SER A 218 27.01 16.33 -29.26
C SER A 218 27.73 16.90 -30.46
N HIS A 219 28.46 17.99 -30.23
CA HIS A 219 29.29 18.60 -31.25
C HIS A 219 30.73 18.69 -30.77
N LEU A 220 31.65 18.80 -31.73
CA LEU A 220 33.05 19.03 -31.41
C LEU A 220 33.22 20.36 -30.70
N SER A 221 33.96 20.36 -29.59
CA SER A 221 34.24 21.62 -28.90
C SER A 221 35.03 22.55 -29.81
N ARG A 222 34.85 23.86 -29.59
CA ARG A 222 35.24 24.86 -30.58
C ARG A 222 36.71 24.78 -30.95
N ASN A 223 37.58 24.49 -29.97
CA ASN A 223 39.02 24.56 -30.17
C ASN A 223 39.68 23.20 -29.96
N MET A 224 39.03 22.12 -30.39
CA MET A 224 39.68 20.82 -30.31
C MET A 224 39.16 19.89 -31.39
N THR A 225 40.01 18.94 -31.77
CA THR A 225 39.77 18.05 -32.91
C THR A 225 39.14 16.74 -32.44
N MET A 226 38.70 15.94 -33.43
CA MET A 226 38.14 14.64 -33.13
C MET A 226 39.14 13.75 -32.41
N GLN A 227 40.37 13.69 -32.91
CA GLN A 227 41.42 12.92 -32.25
C GLN A 227 41.58 13.34 -30.79
N ARG A 228 41.59 14.65 -30.55
CA ARG A 228 41.64 15.16 -29.18
C ARG A 228 40.41 14.73 -28.38
N THR A 229 39.21 14.93 -28.95
CA THR A 229 37.99 14.57 -28.25
C THR A 229 37.98 13.09 -27.86
N MET A 230 38.50 12.22 -28.73
CA MET A 230 38.55 10.80 -28.41
C MET A 230 39.52 10.52 -27.27
N LYS A 231 40.69 11.15 -27.31
CA LYS A 231 41.65 10.98 -26.23
C LYS A 231 41.11 11.55 -24.94
N LEU A 232 40.40 12.66 -25.02
CA LEU A 232 39.89 13.31 -23.81
C LEU A 232 38.94 12.40 -23.05
N TYR A 233 38.08 11.68 -23.76
CA TYR A 233 37.03 10.87 -23.16
C TYR A 233 37.41 9.41 -22.98
N ARG A 234 38.65 9.02 -23.33
CA ARG A 234 39.07 7.64 -23.14
C ARG A 234 39.03 7.25 -21.66
N LEU A 235 38.64 6.03 -21.38
CA LEU A 235 38.47 5.53 -20.03
C LEU A 235 39.28 4.25 -19.86
N PRO A 236 39.66 3.91 -18.63
CA PRO A 236 40.32 2.63 -18.39
C PRO A 236 39.45 1.46 -18.83
N GLU A 237 40.11 0.32 -19.08
CA GLU A 237 39.40 -0.87 -19.52
C GLU A 237 38.58 -1.50 -18.39
N THR A 238 39.01 -1.33 -17.15
CA THR A 238 38.39 -1.99 -16.00
C THR A 238 38.31 -1.02 -14.83
N PRO A 239 37.37 -1.22 -13.91
CA PRO A 239 37.25 -0.30 -12.77
C PRO A 239 38.42 -0.44 -11.82
N LYS A 240 38.58 0.56 -10.95
CA LYS A 240 39.69 0.53 -10.02
C LYS A 240 39.32 0.22 -8.58
N THR A 241 38.07 0.44 -8.17
CA THR A 241 37.72 0.26 -6.77
C THR A 241 37.85 -1.20 -6.35
N ALA A 242 38.61 -1.44 -5.28
CA ALA A 242 38.79 -2.77 -4.73
C ALA A 242 37.45 -3.37 -4.34
N GLY A 243 37.22 -4.61 -4.76
CA GLY A 243 36.06 -5.36 -4.33
C GLY A 243 34.75 -4.97 -4.98
N LEU A 244 34.79 -4.18 -6.05
CA LEU A 244 33.58 -3.86 -6.79
C LEU A 244 33.04 -5.11 -7.46
N ARG A 245 31.75 -5.38 -7.33
CA ARG A 245 31.14 -6.54 -7.98
C ARG A 245 29.65 -6.27 -8.14
N PRO A 246 28.98 -7.04 -8.99
CA PRO A 246 27.51 -6.91 -9.10
C PRO A 246 26.80 -7.30 -7.81
N MET A 247 25.72 -6.58 -7.55
CA MET A 247 24.86 -6.87 -6.42
C MET A 247 24.23 -8.24 -6.55
N GLU A 248 24.17 -8.96 -5.44
CA GLU A 248 23.58 -10.28 -5.34
C GLU A 248 22.43 -10.24 -4.35
N THR A 249 21.64 -11.32 -4.35
CA THR A 249 20.53 -11.48 -3.42
C THR A 249 20.95 -11.23 -1.98
N LYS A 250 22.13 -11.75 -1.58
CA LYS A 250 22.58 -11.57 -0.20
C LYS A 250 22.85 -10.12 0.14
N ASP A 251 23.02 -9.23 -0.85
CA ASP A 251 23.25 -7.81 -0.60
C ASP A 251 21.97 -7.00 -0.41
N ILE A 252 20.80 -7.57 -0.66
CA ILE A 252 19.57 -6.78 -0.56
C ILE A 252 19.44 -6.07 0.77
N PRO A 253 19.60 -6.74 1.93
CA PRO A 253 19.48 -6.00 3.20
C PRO A 253 20.45 -4.85 3.34
N VAL A 254 21.75 -5.07 3.08
CA VAL A 254 22.70 -3.99 3.32
C VAL A 254 22.52 -2.87 2.32
N VAL A 255 22.11 -3.17 1.09
CA VAL A 255 21.84 -2.08 0.15
C VAL A 255 20.67 -1.25 0.64
N HIS A 256 19.64 -1.90 1.19
CA HIS A 256 18.53 -1.15 1.78
C HIS A 256 19.01 -0.30 2.95
N GLN A 257 19.82 -0.89 3.83
CA GLN A 257 20.39 -0.13 4.94
C GLN A 257 21.17 1.08 4.44
N LEU A 258 22.10 0.86 3.51
CA LEU A 258 22.94 1.95 3.03
C LEU A 258 22.09 3.05 2.40
N LEU A 259 21.16 2.65 1.53
CA LEU A 259 20.32 3.63 0.87
C LEU A 259 19.52 4.45 1.89
N THR A 260 18.89 3.76 2.85
CA THR A 260 18.01 4.46 3.79
C THR A 260 18.76 5.51 4.58
N ARG A 261 19.95 5.16 5.09
CA ARG A 261 20.74 6.12 5.86
C ARG A 261 21.27 7.23 4.98
N TYR A 262 21.73 6.90 3.77
CA TYR A 262 22.25 7.94 2.88
C TYR A 262 21.19 8.98 2.53
N LEU A 263 19.95 8.54 2.32
CA LEU A 263 18.94 9.48 1.81
C LEU A 263 18.49 10.51 2.84
N LYS A 264 18.72 10.28 4.14
N LYS A 264 18.73 10.27 4.13
CA LYS A 264 18.21 11.18 5.17
CA LYS A 264 18.23 11.16 5.18
C LYS A 264 18.70 12.61 4.99
C LYS A 264 18.72 12.60 5.01
N GLN A 265 19.83 12.81 4.31
CA GLN A 265 20.41 14.14 4.16
C GLN A 265 19.71 15.01 3.11
N PHE A 266 18.82 14.44 2.30
CA PHE A 266 18.11 15.22 1.29
C PHE A 266 16.69 15.51 1.75
N HIS A 267 15.98 16.36 0.99
CA HIS A 267 14.66 16.85 1.40
C HIS A 267 13.50 16.27 0.60
N LEU A 268 13.76 15.62 -0.53
CA LEU A 268 12.74 14.90 -1.29
C LEU A 268 13.34 13.55 -1.65
N THR A 269 12.85 12.49 -1.04
CA THR A 269 13.42 11.15 -1.21
C THR A 269 12.31 10.10 -1.18
N PRO A 270 12.56 8.95 -1.78
CA PRO A 270 11.69 7.79 -1.52
C PRO A 270 12.04 7.14 -0.19
N VAL A 271 11.05 6.46 0.38
CA VAL A 271 11.25 5.60 1.54
C VAL A 271 10.91 4.19 1.07
N MET A 272 11.93 3.39 0.80
CA MET A 272 11.75 2.08 0.18
C MET A 272 11.77 1.00 1.25
N SER A 273 10.80 0.08 1.16
CA SER A 273 10.92 -1.16 1.91
C SER A 273 12.07 -2.01 1.35
N GLN A 274 12.36 -3.10 2.05
CA GLN A 274 13.39 -3.99 1.55
C GLN A 274 12.94 -4.67 0.25
N GLU A 275 11.63 -4.91 0.10
CA GLU A 275 11.12 -5.49 -1.14
C GLU A 275 11.24 -4.51 -2.30
N GLU A 276 10.99 -3.22 -2.04
CA GLU A 276 11.18 -2.22 -3.09
C GLU A 276 12.65 -2.10 -3.46
N VAL A 277 13.54 -2.20 -2.47
CA VAL A 277 14.98 -2.15 -2.76
C VAL A 277 15.37 -3.31 -3.67
N GLU A 278 14.87 -4.52 -3.36
CA GLU A 278 15.11 -5.64 -4.26
C GLU A 278 14.63 -5.32 -5.67
N HIS A 279 13.42 -4.78 -5.79
CA HIS A 279 12.89 -4.51 -7.13
C HIS A 279 13.73 -3.49 -7.87
N TRP A 280 14.01 -2.35 -7.25
CA TRP A 280 14.64 -1.25 -7.96
C TRP A 280 16.14 -1.44 -8.20
N PHE A 281 16.81 -2.32 -7.44
CA PHE A 281 18.25 -2.44 -7.58
C PHE A 281 18.77 -3.80 -8.00
N TYR A 282 18.04 -4.89 -7.75
CA TYR A 282 18.57 -6.20 -8.11
C TYR A 282 18.83 -6.27 -9.62
N PRO A 283 20.05 -6.61 -10.05
CA PRO A 283 20.42 -6.39 -11.45
C PRO A 283 19.56 -7.20 -12.42
N GLN A 284 19.16 -6.53 -13.50
CA GLN A 284 18.49 -7.18 -14.63
C GLN A 284 19.16 -6.66 -15.90
N GLU A 285 19.68 -7.57 -16.70
CA GLU A 285 20.46 -7.17 -17.87
C GLU A 285 19.64 -6.24 -18.77
N ASN A 286 20.25 -5.13 -19.18
CA ASN A 286 19.65 -4.17 -20.10
C ASN A 286 18.49 -3.42 -19.47
N ILE A 287 18.41 -3.39 -18.15
CA ILE A 287 17.40 -2.64 -17.45
C ILE A 287 18.04 -1.84 -16.32
N ILE A 288 18.61 -2.56 -15.35
CA ILE A 288 19.17 -1.94 -14.16
C ILE A 288 20.47 -2.64 -13.80
N ASP A 289 21.49 -1.87 -13.52
CA ASP A 289 22.79 -2.38 -13.07
C ASP A 289 23.08 -1.80 -11.70
N THR A 290 23.48 -2.68 -10.77
CA THR A 290 23.90 -2.26 -9.45
C THR A 290 25.19 -2.98 -9.10
N PHE A 291 26.19 -2.22 -8.71
CA PHE A 291 27.47 -2.79 -8.26
C PHE A 291 27.73 -2.34 -6.83
N VAL A 292 28.09 -3.29 -5.97
CA VAL A 292 28.42 -2.99 -4.59
C VAL A 292 29.93 -3.06 -4.40
N VAL A 293 30.41 -2.40 -3.35
CA VAL A 293 31.80 -2.51 -2.92
C VAL A 293 31.82 -3.42 -1.68
N GLU A 294 32.41 -4.62 -1.82
CA GLU A 294 32.62 -5.51 -0.68
C GLU A 294 34.10 -5.44 -0.31
N ASN A 295 34.39 -4.92 0.89
CA ASN A 295 35.76 -4.58 1.27
C ASN A 295 36.53 -5.83 1.74
N ALA A 296 37.73 -5.61 2.28
CA ALA A 296 38.60 -6.72 2.69
C ALA A 296 38.06 -7.48 3.89
N ASN A 297 37.07 -6.94 4.59
CA ASN A 297 36.44 -7.64 5.70
C ASN A 297 35.15 -8.33 5.28
N GLY A 298 34.77 -8.23 4.01
CA GLY A 298 33.53 -8.82 3.53
C GLY A 298 32.31 -7.96 3.69
N GLU A 299 32.49 -6.70 4.06
CA GLU A 299 31.38 -5.79 4.31
C GLU A 299 31.09 -4.94 3.07
N VAL A 300 29.81 -4.79 2.75
CA VAL A 300 29.38 -3.90 1.69
C VAL A 300 29.28 -2.48 2.24
N THR A 301 30.05 -1.56 1.66
CA THR A 301 30.17 -0.20 2.17
C THR A 301 29.69 0.86 1.18
N ASP A 302 29.51 0.52 -0.09
CA ASP A 302 29.11 1.48 -1.11
C ASP A 302 28.35 0.73 -2.18
N PHE A 303 27.55 1.48 -2.96
CA PHE A 303 27.08 0.89 -4.20
C PHE A 303 26.81 1.97 -5.23
N LEU A 304 26.91 1.59 -6.50
CA LEU A 304 26.56 2.45 -7.62
C LEU A 304 25.46 1.77 -8.43
N SER A 305 24.66 2.57 -9.13
CA SER A 305 23.61 1.96 -9.94
C SER A 305 23.24 2.90 -11.08
N PHE A 306 22.84 2.29 -12.19
CA PHE A 306 22.39 3.06 -13.35
C PHE A 306 21.41 2.20 -14.14
N TYR A 307 20.38 2.83 -14.72
CA TYR A 307 19.42 2.10 -15.53
C TYR A 307 19.63 2.37 -17.02
N THR A 308 19.11 1.45 -17.83
CA THR A 308 19.32 1.41 -19.28
C THR A 308 18.11 2.02 -19.99
N LEU A 309 18.34 3.08 -20.75
CA LEU A 309 17.26 3.70 -21.53
C LEU A 309 17.79 4.20 -22.87
N PRO A 310 17.69 3.39 -23.92
CA PRO A 310 18.12 3.85 -25.25
C PRO A 310 17.12 4.83 -25.84
N SER A 311 17.54 5.49 -26.92
CA SER A 311 16.67 6.40 -27.64
C SER A 311 16.74 6.10 -29.12
N THR A 312 15.61 6.25 -29.79
CA THR A 312 15.59 6.19 -31.25
C THR A 312 16.28 7.41 -31.82
N ILE A 313 17.09 7.19 -32.85
CA ILE A 313 17.65 8.30 -33.63
C ILE A 313 16.77 8.46 -34.86
N MET A 314 15.98 9.53 -34.89
CA MET A 314 14.91 9.66 -35.88
C MET A 314 15.47 10.07 -37.25
N ASN A 315 14.98 9.40 -38.28
CA ASN A 315 15.26 9.75 -39.69
C ASN A 315 16.74 9.62 -40.05
N HIS A 316 17.48 8.71 -39.40
CA HIS A 316 18.90 8.58 -39.73
C HIS A 316 19.13 7.29 -40.50
N PRO A 317 19.77 7.35 -41.67
CA PRO A 317 19.86 6.12 -42.49
C PRO A 317 20.76 5.04 -41.92
N THR A 318 21.79 5.37 -41.14
CA THR A 318 22.69 4.35 -40.64
C THR A 318 22.57 4.12 -39.13
N HIS A 319 22.64 5.17 -38.33
CA HIS A 319 22.56 5.04 -36.87
C HIS A 319 21.10 5.18 -36.44
N LYS A 320 20.55 4.08 -35.90
CA LYS A 320 19.13 3.99 -35.56
C LYS A 320 18.85 4.19 -34.07
N SER A 321 19.83 3.95 -33.21
CA SER A 321 19.57 3.97 -31.78
C SER A 321 20.80 4.47 -31.04
N LEU A 322 20.55 5.12 -29.91
CA LEU A 322 21.58 5.65 -29.04
C LEU A 322 21.42 4.98 -27.67
N LYS A 323 22.44 4.25 -27.22
N LYS A 323 22.45 4.25 -27.24
CA LYS A 323 22.36 3.50 -25.97
CA LYS A 323 22.41 3.54 -25.96
C LYS A 323 22.85 4.38 -24.81
C LYS A 323 22.83 4.48 -24.85
N ALA A 324 21.93 4.73 -23.91
CA ALA A 324 22.21 5.64 -22.80
C ALA A 324 22.05 4.95 -21.45
N ALA A 325 22.97 5.27 -20.54
CA ALA A 325 22.89 4.86 -19.15
C ALA A 325 22.50 6.08 -18.32
N TYR A 326 21.64 5.86 -17.33
CA TYR A 326 21.15 6.94 -16.48
C TYR A 326 21.54 6.66 -15.04
N SER A 327 22.28 7.59 -14.44
CA SER A 327 22.63 7.49 -13.03
C SER A 327 21.36 7.34 -12.20
N PHE A 328 21.38 6.37 -11.28
CA PHE A 328 20.23 6.08 -10.46
C PHE A 328 20.50 6.54 -9.03
N TYR A 329 20.78 5.62 -8.12
CA TYR A 329 21.19 6.00 -6.78
C TYR A 329 22.59 5.50 -6.51
N ASN A 330 23.44 6.39 -6.03
CA ASN A 330 24.84 6.09 -5.75
C ASN A 330 25.10 6.42 -4.30
N VAL A 331 25.50 5.43 -3.51
CA VAL A 331 25.68 5.60 -2.08
C VAL A 331 27.14 5.30 -1.75
N HIS A 332 27.81 6.27 -1.12
CA HIS A 332 29.19 6.13 -0.68
C HIS A 332 29.24 6.25 0.84
N THR A 333 30.00 5.37 1.49
CA THR A 333 30.35 5.55 2.89
C THR A 333 31.83 5.33 3.17
N GLN A 334 32.57 4.62 2.30
CA GLN A 334 34.00 4.42 2.48
C GLN A 334 34.77 4.74 1.21
N THR A 335 34.16 4.53 0.05
CA THR A 335 34.77 4.85 -1.23
C THR A 335 34.40 6.28 -1.61
N PRO A 336 35.34 7.11 -2.07
CA PRO A 336 34.98 8.46 -2.50
C PRO A 336 33.97 8.39 -3.63
N LEU A 337 32.97 9.28 -3.58
CA LEU A 337 31.94 9.32 -4.62
C LEU A 337 32.55 9.47 -6.00
N LEU A 338 33.59 10.31 -6.12
CA LEU A 338 34.25 10.52 -7.40
C LEU A 338 34.81 9.21 -7.96
N ASP A 339 35.41 8.38 -7.11
CA ASP A 339 35.93 7.10 -7.57
C ASP A 339 34.80 6.16 -7.97
N LEU A 340 33.75 6.09 -7.15
CA LEU A 340 32.56 5.32 -7.49
C LEU A 340 32.02 5.67 -8.87
N MET A 341 31.87 6.96 -9.17
CA MET A 341 31.28 7.33 -10.45
C MET A 341 32.22 7.11 -11.62
N SER A 342 33.53 7.21 -11.39
CA SER A 342 34.48 6.86 -12.45
C SER A 342 34.33 5.38 -12.81
N ASP A 343 34.16 4.53 -11.80
CA ASP A 343 33.93 3.12 -12.10
C ASP A 343 32.57 2.90 -12.76
N ALA A 344 31.58 3.72 -12.44
CA ALA A 344 30.30 3.65 -13.16
C ALA A 344 30.53 3.92 -14.65
N LEU A 345 31.30 4.96 -14.95
CA LEU A 345 31.57 5.31 -16.35
C LEU A 345 32.29 4.17 -17.04
N VAL A 346 33.33 3.63 -16.40
CA VAL A 346 34.05 2.49 -16.97
C VAL A 346 33.12 1.31 -17.19
N LEU A 347 32.27 1.03 -16.22
CA LEU A 347 31.36 -0.10 -16.38
C LEU A 347 30.37 0.15 -17.51
N ALA A 348 29.85 1.38 -17.62
CA ALA A 348 28.92 1.69 -18.71
C ALA A 348 29.61 1.56 -20.06
N LYS A 349 30.85 2.08 -20.16
CA LYS A 349 31.62 1.89 -21.38
C LYS A 349 31.76 0.42 -21.72
N MET A 350 32.12 -0.40 -20.74
CA MET A 350 32.32 -1.83 -20.98
C MET A 350 31.05 -2.48 -21.52
N LYS A 351 29.90 -2.09 -20.99
CA LYS A 351 28.61 -2.66 -21.36
C LYS A 351 28.06 -2.09 -22.66
N GLY A 352 28.80 -1.25 -23.36
CA GLY A 352 28.40 -0.81 -24.68
C GLY A 352 27.57 0.46 -24.73
N PHE A 353 27.47 1.21 -23.64
CA PHE A 353 26.72 2.46 -23.69
C PHE A 353 27.48 3.51 -24.50
N ASP A 354 26.73 4.40 -25.15
CA ASP A 354 27.31 5.51 -25.89
C ASP A 354 27.47 6.76 -25.03
N VAL A 355 26.60 6.92 -24.03
CA VAL A 355 26.60 8.13 -23.20
C VAL A 355 26.14 7.75 -21.81
N PHE A 356 26.58 8.51 -20.82
CA PHE A 356 26.19 8.33 -19.42
C PHE A 356 25.58 9.64 -18.95
N ASN A 357 24.29 9.60 -18.61
CA ASN A 357 23.57 10.79 -18.18
C ASN A 357 23.42 10.81 -16.65
N ALA A 358 23.40 12.01 -16.11
CA ALA A 358 23.16 12.16 -14.68
C ALA A 358 22.63 13.55 -14.42
N LEU A 359 21.75 13.65 -13.44
CA LEU A 359 21.19 14.93 -13.03
C LEU A 359 22.12 15.59 -12.02
N ASP A 360 21.90 16.90 -11.81
CA ASP A 360 22.69 17.64 -10.84
C ASP A 360 22.09 17.61 -9.43
N LEU A 361 21.27 16.60 -9.12
CA LEU A 361 20.70 16.46 -7.78
C LEU A 361 21.67 15.69 -6.85
N MET A 362 21.20 15.43 -5.64
CA MET A 362 22.02 14.88 -4.56
C MET A 362 23.40 15.54 -4.57
N GLU A 363 24.47 14.76 -4.45
CA GLU A 363 25.81 15.33 -4.45
C GLU A 363 26.47 15.29 -5.82
N ASN A 364 25.68 15.16 -6.88
CA ASN A 364 26.24 14.89 -8.19
C ASN A 364 27.10 16.06 -8.69
N LYS A 365 26.80 17.28 -8.27
CA LYS A 365 27.62 18.41 -8.71
C LYS A 365 29.08 18.27 -8.25
N THR A 366 29.34 17.50 -7.20
CA THR A 366 30.72 17.31 -6.75
C THR A 366 31.55 16.53 -7.77
N PHE A 367 30.94 15.83 -8.72
CA PHE A 367 31.75 15.07 -9.66
C PHE A 367 31.49 15.36 -11.14
N LEU A 368 30.41 16.06 -11.48
CA LEU A 368 30.03 16.18 -12.89
C LEU A 368 31.16 16.80 -13.72
N GLU A 369 31.66 17.96 -13.31
CA GLU A 369 32.70 18.59 -14.11
C GLU A 369 34.01 17.83 -14.03
N LYS A 370 34.38 17.35 -12.84
CA LYS A 370 35.65 16.65 -12.70
C LYS A 370 35.69 15.40 -13.58
N LEU A 371 34.55 14.72 -13.74
CA LEU A 371 34.51 13.52 -14.56
C LEU A 371 34.13 13.81 -16.00
N LYS A 372 34.23 15.07 -16.43
CA LYS A 372 34.07 15.45 -17.83
C LYS A 372 32.63 15.28 -18.33
N PHE A 373 31.64 15.47 -17.47
CA PHE A 373 30.28 15.65 -17.96
C PHE A 373 30.14 17.03 -18.60
N GLY A 374 29.29 17.11 -19.61
CA GLY A 374 28.89 18.38 -20.22
C GLY A 374 27.45 18.70 -19.91
N ILE A 375 27.17 19.97 -19.62
CA ILE A 375 25.83 20.37 -19.20
C ILE A 375 24.87 20.19 -20.36
N GLY A 376 23.66 19.71 -20.06
CA GLY A 376 22.65 19.51 -21.07
C GLY A 376 21.82 20.76 -21.31
N ASP A 377 20.94 20.66 -22.31
CA ASP A 377 20.07 21.77 -22.61
C ASP A 377 18.70 21.66 -21.95
N GLY A 378 18.39 20.53 -21.32
CA GLY A 378 17.07 20.29 -20.75
C GLY A 378 17.06 20.32 -19.23
N ASN A 379 16.07 21.02 -18.68
CA ASN A 379 15.78 20.94 -17.25
C ASN A 379 14.80 19.81 -16.99
N LEU A 380 14.90 19.23 -15.80
CA LEU A 380 13.91 18.30 -15.30
C LEU A 380 13.31 18.92 -14.04
N GLN A 381 12.07 19.40 -14.16
CA GLN A 381 11.35 19.96 -13.04
C GLN A 381 10.71 18.85 -12.21
N TYR A 382 10.77 19.00 -10.88
CA TYR A 382 10.07 18.11 -9.96
C TYR A 382 8.84 18.80 -9.40
N TYR A 383 7.74 18.05 -9.28
CA TYR A 383 6.46 18.58 -8.83
C TYR A 383 5.81 17.67 -7.80
N LEU A 384 5.12 18.29 -6.85
CA LEU A 384 4.18 17.59 -5.98
C LEU A 384 2.76 18.05 -6.28
N TYR A 385 1.83 17.11 -6.25
CA TYR A 385 0.40 17.38 -6.42
C TYR A 385 -0.26 17.41 -5.05
N ASN A 386 -0.98 18.50 -4.78
CA ASN A 386 -1.73 18.66 -3.52
C ASN A 386 -0.79 18.68 -2.30
N TRP A 387 0.37 19.31 -2.45
CA TRP A 387 1.26 19.47 -1.31
C TRP A 387 1.99 20.80 -1.44
N LYS A 388 1.88 21.64 -0.41
CA LYS A 388 2.54 22.94 -0.39
C LYS A 388 3.77 22.85 0.50
N CYS A 389 4.90 23.27 -0.04
CA CYS A 389 6.16 23.30 0.71
C CYS A 389 7.12 24.21 -0.04
N PRO A 390 8.17 24.67 0.62
CA PRO A 390 9.15 25.51 -0.08
C PRO A 390 9.90 24.71 -1.13
N SER A 391 10.25 25.39 -2.22
CA SER A 391 11.16 24.78 -3.19
C SER A 391 12.53 24.52 -2.55
N MET A 392 13.31 23.67 -3.21
CA MET A 392 14.64 23.32 -2.74
C MET A 392 15.60 23.35 -3.90
N GLY A 393 16.88 23.54 -3.60
CA GLY A 393 17.90 23.42 -4.62
C GLY A 393 18.06 21.99 -5.10
N ALA A 394 18.64 21.86 -6.28
CA ALA A 394 18.83 20.54 -6.89
C ALA A 394 19.58 19.60 -5.96
N GLU A 395 20.56 20.12 -5.22
N GLU A 395 20.58 20.12 -5.24
CA GLU A 395 21.39 19.27 -4.36
CA GLU A 395 21.40 19.30 -4.35
C GLU A 395 20.61 18.71 -3.18
C GLU A 395 20.57 18.63 -3.26
N LYS A 396 19.38 19.16 -2.95
CA LYS A 396 18.52 18.62 -1.92
C LYS A 396 17.47 17.66 -2.48
N VAL A 397 17.39 17.51 -3.79
CA VAL A 397 16.51 16.50 -4.38
C VAL A 397 17.22 15.16 -4.36
N GLY A 398 16.57 14.16 -3.76
CA GLY A 398 17.14 12.84 -3.62
C GLY A 398 16.19 11.78 -4.11
N LEU A 399 15.53 12.06 -5.23
CA LEU A 399 14.56 11.15 -5.84
C LEU A 399 14.85 11.08 -7.33
N VAL A 400 15.01 9.86 -7.84
CA VAL A 400 15.27 9.64 -9.27
C VAL A 400 14.16 8.74 -9.80
N LEU A 401 13.47 9.21 -10.84
CA LEU A 401 12.38 8.50 -11.47
C LEU A 401 12.83 7.95 -12.82
N GLN A 402 12.14 6.90 -13.26
CA GLN A 402 12.48 6.24 -14.53
C GLN A 402 11.96 6.99 -15.73
N PRO B 11 -3.15 -19.93 29.34
CA PRO B 11 -3.86 -18.70 28.96
C PRO B 11 -4.57 -18.03 30.13
N ALA B 12 -4.44 -16.70 30.21
CA ALA B 12 -5.11 -15.90 31.24
C ALA B 12 -6.16 -15.00 30.60
N LYS B 13 -7.35 -14.95 31.20
CA LYS B 13 -8.48 -14.25 30.63
C LYS B 13 -8.85 -13.00 31.42
N THR B 14 -8.27 -12.79 32.59
CA THR B 14 -8.46 -11.58 33.38
C THR B 14 -7.10 -10.94 33.67
N MET B 15 -7.14 -9.65 34.02
CA MET B 15 -5.92 -8.92 34.35
C MET B 15 -5.32 -9.37 35.68
N GLU B 16 -6.12 -10.02 36.54
CA GLU B 16 -5.59 -10.49 37.82
C GLU B 16 -4.65 -11.67 37.63
N GLU B 17 -5.08 -12.70 36.90
CA GLU B 17 -4.19 -13.82 36.63
C GLU B 17 -3.08 -13.45 35.66
N ALA B 18 -3.29 -12.40 34.86
CA ALA B 18 -2.33 -12.03 33.84
C ALA B 18 -1.04 -11.49 34.45
N SER B 19 -1.14 -10.51 35.35
CA SER B 19 0.05 -9.93 35.97
C SER B 19 0.60 -10.79 37.10
N LYS B 20 0.03 -11.97 37.32
CA LYS B 20 0.69 -13.00 38.11
C LYS B 20 1.64 -13.85 37.27
N ARG B 21 1.46 -13.85 35.96
CA ARG B 21 2.25 -14.65 35.03
C ARG B 21 3.52 -13.91 34.60
N SER B 22 4.44 -14.66 34.00
CA SER B 22 5.53 -14.13 33.18
C SER B 22 5.34 -14.62 31.75
N TYR B 23 5.81 -13.82 30.80
CA TYR B 23 5.53 -14.06 29.38
C TYR B 23 6.83 -14.31 28.63
N GLN B 24 7.19 -15.59 28.47
CA GLN B 24 8.46 -15.96 27.87
C GLN B 24 8.63 -15.35 26.48
N PHE B 25 7.56 -15.33 25.69
CA PHE B 25 7.65 -14.76 24.34
C PHE B 25 7.43 -13.25 24.33
N TRP B 26 6.31 -12.80 24.91
CA TRP B 26 5.94 -11.39 24.77
C TRP B 26 6.92 -10.47 25.46
N ASP B 27 7.63 -10.96 26.50
CA ASP B 27 8.69 -10.15 27.10
C ASP B 27 9.78 -9.78 26.11
N THR B 28 9.96 -10.55 25.04
CA THR B 28 10.98 -10.25 24.05
C THR B 28 10.47 -9.37 22.92
N GLN B 29 9.22 -8.95 22.98
CA GLN B 29 8.59 -8.23 21.87
C GLN B 29 8.45 -6.76 22.20
N PRO B 30 8.39 -5.87 21.12
CA PRO B 30 8.23 -4.41 21.35
C PRO B 30 6.79 -4.07 21.67
N VAL B 31 6.34 -4.51 22.84
CA VAL B 31 5.04 -4.16 23.40
C VAL B 31 5.28 -3.70 24.84
N PRO B 32 4.37 -2.91 25.41
CA PRO B 32 4.57 -2.47 26.79
C PRO B 32 4.32 -3.59 27.79
N LYS B 33 4.86 -3.40 28.99
CA LYS B 33 4.68 -4.40 30.05
C LYS B 33 3.28 -4.31 30.64
N LEU B 34 2.77 -5.46 31.08
CA LEU B 34 1.43 -5.53 31.65
C LEU B 34 1.26 -4.58 32.84
N GLY B 35 2.31 -4.41 33.65
CA GLY B 35 2.23 -3.47 34.74
C GLY B 35 2.34 -2.02 34.30
N GLU B 36 3.09 -1.76 33.22
CA GLU B 36 3.38 -0.42 32.77
C GLU B 36 2.11 0.37 32.47
N VAL B 37 2.06 1.62 32.95
CA VAL B 37 1.02 2.57 32.58
C VAL B 37 1.66 3.60 31.66
N VAL B 38 1.01 3.87 30.53
CA VAL B 38 1.63 4.59 29.42
C VAL B 38 1.08 6.00 29.35
N ASN B 39 1.97 6.97 29.23
CA ASN B 39 1.59 8.35 28.94
C ASN B 39 2.15 8.84 27.62
N THR B 40 2.90 8.03 26.89
CA THR B 40 3.52 8.43 25.63
C THR B 40 2.76 7.89 24.43
N HIS B 41 3.16 8.35 23.24
CA HIS B 41 2.58 7.91 21.98
C HIS B 41 3.68 7.72 20.95
N GLY B 42 3.96 6.47 20.58
CA GLY B 42 4.90 6.23 19.50
C GLY B 42 5.47 4.83 19.47
N PRO B 43 6.38 4.57 18.53
CA PRO B 43 6.89 3.22 18.36
C PRO B 43 7.76 2.78 19.53
N VAL B 44 7.83 1.47 19.76
CA VAL B 44 8.66 0.95 20.84
C VAL B 44 10.12 0.84 20.41
N GLU B 45 10.36 0.46 19.16
CA GLU B 45 11.72 0.27 18.65
C GLU B 45 11.84 0.93 17.29
N PRO B 46 13.06 1.24 16.84
CA PRO B 46 13.21 1.89 15.54
C PRO B 46 12.81 0.97 14.39
N ASP B 47 12.34 1.59 13.31
CA ASP B 47 12.13 0.86 12.05
C ASP B 47 13.43 0.18 11.64
N LYS B 48 13.31 -1.05 11.12
CA LYS B 48 14.47 -1.85 10.75
C LYS B 48 14.91 -1.48 9.33
N ASP B 49 16.15 -1.03 9.18
CA ASP B 49 16.66 -0.80 7.83
C ASP B 49 17.38 -2.02 7.27
N ASN B 50 17.27 -3.15 7.98
N ASN B 50 17.49 -3.11 8.02
CA ASN B 50 17.93 -4.41 7.64
CA ASN B 50 17.73 -4.36 7.33
C ASN B 50 17.00 -5.52 8.15
C ASN B 50 16.97 -5.45 8.06
N ILE B 51 16.44 -6.35 7.26
CA ILE B 51 15.46 -7.36 7.67
C ILE B 51 15.99 -8.74 7.31
N ARG B 52 15.87 -9.65 8.27
CA ARG B 52 16.20 -11.07 8.11
C ARG B 52 15.59 -11.63 6.83
N GLN B 53 16.45 -12.13 5.94
CA GLN B 53 15.98 -12.59 4.63
C GLN B 53 15.47 -14.02 4.67
N GLU B 54 15.95 -14.82 5.63
CA GLU B 54 15.62 -16.24 5.79
C GLU B 54 14.41 -16.39 6.69
N PRO B 55 13.45 -17.23 6.33
CA PRO B 55 12.35 -17.53 7.27
C PRO B 55 12.89 -18.15 8.55
N TYR B 56 12.14 -17.93 9.64
CA TYR B 56 12.50 -18.55 10.90
C TYR B 56 12.38 -20.07 10.82
N THR B 57 13.21 -20.73 11.60
CA THR B 57 13.22 -22.20 11.66
C THR B 57 11.99 -22.72 12.38
N LEU B 58 11.30 -23.66 11.76
CA LEU B 58 10.21 -24.39 12.39
C LEU B 58 10.76 -25.66 13.00
N PRO B 59 10.02 -26.27 13.93
CA PRO B 59 10.43 -27.59 14.45
C PRO B 59 10.64 -28.57 13.29
N GLN B 60 11.52 -29.53 13.53
CA GLN B 60 11.85 -30.52 12.50
C GLN B 60 10.56 -31.14 11.97
N GLY B 61 10.49 -31.31 10.66
CA GLY B 61 9.35 -31.96 10.05
C GLY B 61 8.22 -31.04 9.59
N PHE B 62 8.36 -29.73 9.78
CA PHE B 62 7.35 -28.76 9.37
C PHE B 62 7.99 -27.69 8.50
N THR B 63 7.20 -27.09 7.61
CA THR B 63 7.75 -26.12 6.69
C THR B 63 6.71 -25.04 6.38
N TRP B 64 7.20 -23.89 5.93
CA TRP B 64 6.33 -22.78 5.56
C TRP B 64 5.70 -23.01 4.20
N ASP B 65 4.51 -22.43 3.99
CA ASP B 65 3.87 -22.42 2.68
C ASP B 65 2.86 -21.29 2.62
N ALA B 66 3.09 -20.32 1.75
CA ALA B 66 2.11 -19.27 1.50
C ALA B 66 0.88 -19.86 0.80
N LEU B 67 -0.30 -19.59 1.33
CA LEU B 67 -1.50 -20.22 0.80
C LEU B 67 -2.15 -19.31 -0.23
N ASP B 68 -2.25 -19.80 -1.47
CA ASP B 68 -2.97 -19.11 -2.54
C ASP B 68 -4.47 -19.41 -2.38
N LEU B 69 -5.21 -18.45 -1.84
CA LEU B 69 -6.62 -18.68 -1.54
C LEU B 69 -7.50 -18.66 -2.78
N GLY B 70 -6.97 -18.16 -3.90
CA GLY B 70 -7.63 -18.31 -5.18
C GLY B 70 -7.60 -19.72 -5.72
N ASP B 71 -6.83 -20.60 -5.08
CA ASP B 71 -6.83 -22.02 -5.39
C ASP B 71 -7.87 -22.68 -4.49
N ARG B 72 -8.92 -23.24 -5.10
CA ARG B 72 -10.08 -23.69 -4.34
C ARG B 72 -9.72 -24.80 -3.36
N GLY B 73 -8.83 -25.72 -3.78
CA GLY B 73 -8.40 -26.76 -2.87
C GLY B 73 -7.65 -26.22 -1.68
N VAL B 74 -6.82 -25.20 -1.90
CA VAL B 74 -6.06 -24.62 -0.79
C VAL B 74 -6.98 -23.89 0.17
N LEU B 75 -7.91 -23.10 -0.36
CA LEU B 75 -8.90 -22.44 0.50
C LEU B 75 -9.67 -23.47 1.31
N LYS B 76 -9.99 -24.62 0.70
CA LYS B 76 -10.66 -25.68 1.44
C LYS B 76 -9.78 -26.24 2.56
N GLU B 77 -8.47 -26.38 2.31
CA GLU B 77 -7.57 -26.80 3.38
C GLU B 77 -7.58 -25.81 4.52
N LEU B 78 -7.65 -24.51 4.21
CA LEU B 78 -7.65 -23.50 5.26
C LEU B 78 -8.95 -23.55 6.07
N TYR B 79 -10.09 -23.53 5.38
N TYR B 79 -10.11 -23.57 5.42
CA TYR B 79 -11.40 -23.68 6.03
CA TYR B 79 -11.30 -23.59 6.26
C TYR B 79 -11.39 -24.87 6.98
C TYR B 79 -11.46 -24.90 7.00
N THR B 80 -10.87 -26.00 6.52
CA THR B 80 -10.88 -27.22 7.32
C THR B 80 -10.00 -27.09 8.56
N LEU B 81 -8.82 -26.49 8.40
CA LEU B 81 -7.96 -26.23 9.56
C LEU B 81 -8.68 -25.38 10.60
N LEU B 82 -9.31 -24.28 10.15
CA LEU B 82 -10.00 -23.39 11.08
C LEU B 82 -11.27 -24.02 11.63
N ASN B 83 -12.05 -24.69 10.77
CA ASN B 83 -13.28 -25.31 11.24
C ASN B 83 -13.01 -26.35 12.31
N GLU B 84 -11.83 -27.00 12.28
CA GLU B 84 -11.53 -28.03 13.26
C GLU B 84 -10.65 -27.54 14.41
N ASN B 85 -9.95 -26.40 14.26
CA ASN B 85 -8.96 -26.03 15.25
C ASN B 85 -8.97 -24.56 15.67
N TYR B 86 -9.91 -23.75 15.18
CA TYR B 86 -9.89 -22.33 15.50
C TYR B 86 -10.72 -22.08 16.77
N VAL B 87 -11.15 -20.82 16.98
CA VAL B 87 -11.55 -20.37 18.30
C VAL B 87 -12.84 -21.05 18.74
N GLU B 88 -12.86 -21.51 19.99
CA GLU B 88 -14.03 -22.06 20.65
C GLU B 88 -14.43 -21.17 21.83
N ASP B 89 -15.69 -21.30 22.24
CA ASP B 89 -16.17 -20.62 23.44
C ASP B 89 -15.53 -21.22 24.69
N ASP B 90 -15.60 -20.48 25.79
CA ASP B 90 -14.92 -20.90 27.01
C ASP B 90 -15.47 -22.21 27.57
N ASP B 91 -16.68 -22.59 27.20
CA ASP B 91 -17.26 -23.86 27.61
C ASP B 91 -16.96 -24.99 26.63
N ASN B 92 -16.22 -24.71 25.55
CA ASN B 92 -15.84 -25.72 24.55
C ASN B 92 -17.07 -26.41 23.96
N MET B 93 -18.10 -25.62 23.64
CA MET B 93 -19.33 -26.15 23.07
C MET B 93 -19.61 -25.68 21.66
N PHE B 94 -19.09 -24.53 21.25
CA PHE B 94 -19.27 -24.01 19.90
C PHE B 94 -17.94 -23.54 19.34
N ARG B 95 -17.71 -23.80 18.06
CA ARG B 95 -16.54 -23.33 17.34
C ARG B 95 -16.98 -22.54 16.11
N PHE B 96 -16.26 -21.45 15.82
CA PHE B 96 -16.54 -20.68 14.62
C PHE B 96 -16.49 -21.57 13.38
N ASP B 97 -17.42 -21.34 12.46
CA ASP B 97 -17.47 -22.04 11.18
C ASP B 97 -17.35 -21.02 10.06
N TYR B 98 -16.16 -20.46 9.89
CA TYR B 98 -15.91 -19.52 8.80
C TYR B 98 -16.06 -20.24 7.45
N SER B 99 -16.88 -19.69 6.55
CA SER B 99 -17.04 -20.29 5.24
C SER B 99 -15.90 -19.89 4.28
N PRO B 100 -15.71 -20.64 3.20
CA PRO B 100 -14.70 -20.25 2.20
C PRO B 100 -14.87 -18.83 1.70
N GLU B 101 -16.12 -18.46 1.34
CA GLU B 101 -16.40 -17.14 0.81
C GLU B 101 -16.17 -16.07 1.88
N PHE B 102 -16.53 -16.36 3.12
CA PHE B 102 -16.19 -15.43 4.20
C PHE B 102 -14.68 -15.22 4.27
N LEU B 103 -13.91 -16.32 4.21
CA LEU B 103 -12.46 -16.19 4.32
C LEU B 103 -11.89 -15.35 3.17
N LEU B 104 -12.42 -15.49 1.96
CA LEU B 104 -11.97 -14.61 0.88
C LEU B 104 -12.28 -13.16 1.19
N TRP B 105 -13.46 -12.89 1.76
CA TRP B 105 -13.81 -11.53 2.16
C TRP B 105 -12.83 -10.99 3.20
N ALA B 106 -12.56 -11.77 4.24
CA ALA B 106 -11.71 -11.30 5.33
C ALA B 106 -10.24 -11.24 4.93
N LEU B 107 -9.79 -12.12 4.04
CA LEU B 107 -8.35 -12.28 3.79
C LEU B 107 -7.91 -11.73 2.44
N ARG B 108 -8.83 -11.36 1.55
CA ARG B 108 -8.38 -10.66 0.35
C ARG B 108 -9.01 -9.27 0.21
N PRO B 109 -8.94 -8.40 1.22
CA PRO B 109 -9.34 -7.01 1.02
C PRO B 109 -8.34 -6.30 0.13
N PRO B 110 -8.59 -5.05 -0.27
CA PRO B 110 -7.61 -4.33 -1.09
C PRO B 110 -6.26 -4.30 -0.42
N GLY B 111 -5.21 -4.58 -1.20
CA GLY B 111 -3.85 -4.57 -0.72
C GLY B 111 -3.35 -5.90 -0.18
N TRP B 112 -4.18 -6.94 -0.19
CA TRP B 112 -3.77 -8.24 0.33
C TRP B 112 -2.55 -8.74 -0.43
N LEU B 113 -1.68 -9.47 0.28
CA LEU B 113 -0.44 -10.00 -0.26
C LEU B 113 -0.37 -11.51 -0.04
N PRO B 114 0.03 -12.27 -1.06
CA PRO B 114 0.12 -13.73 -0.91
C PRO B 114 1.07 -14.20 0.19
N GLN B 115 2.21 -13.53 0.36
CA GLN B 115 3.16 -13.94 1.39
C GLN B 115 2.59 -13.75 2.79
N TRP B 116 1.53 -12.94 2.93
CA TRP B 116 0.91 -12.71 4.22
C TRP B 116 -0.21 -13.70 4.53
N HIS B 117 -0.40 -14.71 3.68
CA HIS B 117 -1.29 -15.83 4.01
C HIS B 117 -0.36 -17.00 4.35
N CYS B 118 0.05 -17.06 5.61
CA CYS B 118 1.28 -17.75 6.00
C CYS B 118 0.91 -19.09 6.61
N GLY B 119 1.04 -20.17 5.84
CA GLY B 119 0.73 -21.50 6.33
C GLY B 119 1.95 -22.27 6.83
N VAL B 120 1.65 -23.31 7.61
CA VAL B 120 2.63 -24.29 8.07
C VAL B 120 2.12 -25.68 7.66
N ARG B 121 2.99 -26.45 7.01
CA ARG B 121 2.64 -27.80 6.57
C ARG B 121 3.63 -28.82 7.11
N VAL B 122 3.11 -30.03 7.38
CA VAL B 122 3.95 -31.20 7.64
C VAL B 122 4.78 -31.48 6.39
N VAL B 123 6.09 -31.64 6.57
CA VAL B 123 6.98 -31.78 5.41
C VAL B 123 6.60 -32.99 4.56
N SER B 124 6.37 -34.14 5.20
CA SER B 124 6.22 -35.37 4.44
C SER B 124 4.86 -35.49 3.77
N SER B 125 3.79 -35.10 4.46
CA SER B 125 2.43 -35.26 3.95
C SER B 125 1.86 -33.99 3.33
N ARG B 126 2.48 -32.84 3.58
CA ARG B 126 1.99 -31.52 3.19
C ARG B 126 0.69 -31.13 3.87
N LYS B 127 0.29 -31.84 4.93
CA LYS B 127 -0.94 -31.49 5.61
C LYS B 127 -0.81 -30.09 6.21
N LEU B 128 -1.89 -29.31 6.10
CA LEU B 128 -1.88 -27.97 6.67
C LEU B 128 -2.15 -28.06 8.17
N VAL B 129 -1.23 -27.56 8.99
CA VAL B 129 -1.32 -27.68 10.45
C VAL B 129 -1.15 -26.35 11.16
N GLY B 130 -0.82 -25.26 10.46
CA GLY B 130 -0.80 -23.95 11.10
C GLY B 130 -1.11 -22.85 10.12
N PHE B 131 -1.50 -21.70 10.66
CA PHE B 131 -1.78 -20.54 9.81
C PHE B 131 -1.68 -19.28 10.65
N ILE B 132 -1.32 -18.19 9.97
CA ILE B 132 -1.49 -16.85 10.52
C ILE B 132 -1.57 -15.91 9.32
N SER B 133 -2.31 -14.80 9.47
CA SER B 133 -2.47 -13.89 8.34
C SER B 133 -2.25 -12.44 8.73
N ALA B 134 -1.82 -11.66 7.77
CA ALA B 134 -1.78 -10.21 7.88
C ALA B 134 -2.53 -9.63 6.69
N ILE B 135 -3.31 -8.57 6.94
CA ILE B 135 -3.87 -7.74 5.85
C ILE B 135 -3.50 -6.30 6.13
N PRO B 136 -3.31 -5.47 5.11
CA PRO B 136 -2.91 -4.08 5.37
C PRO B 136 -4.10 -3.26 5.82
N ALA B 137 -3.83 -2.30 6.70
CA ALA B 137 -4.89 -1.37 7.08
C ALA B 137 -4.26 -0.08 7.56
N ASN B 138 -4.83 1.04 7.15
N ASN B 138 -4.85 1.04 7.14
CA ASN B 138 -4.45 2.32 7.73
CA ASN B 138 -4.51 2.35 7.68
C ASN B 138 -5.24 2.54 8.99
C ASN B 138 -5.26 2.53 9.01
N ILE B 139 -4.54 2.82 10.09
CA ILE B 139 -5.10 2.84 11.43
C ILE B 139 -4.91 4.22 12.02
N HIS B 140 -5.99 4.80 12.53
CA HIS B 140 -5.94 6.04 13.29
C HIS B 140 -5.87 5.66 14.75
N ILE B 141 -4.82 6.10 15.43
CA ILE B 141 -4.66 5.81 16.85
C ILE B 141 -4.34 7.14 17.52
N TYR B 142 -5.27 7.60 18.35
CA TYR B 142 -5.20 8.94 18.94
C TYR B 142 -4.88 9.98 17.86
N ASP B 143 -3.73 10.64 17.94
CA ASP B 143 -3.46 11.71 17.00
C ASP B 143 -2.63 11.26 15.80
N THR B 144 -2.48 9.96 15.60
CA THR B 144 -1.61 9.43 14.55
C THR B 144 -2.39 8.55 13.60
N GLU B 145 -2.15 8.73 12.30
N GLU B 145 -2.14 8.72 12.30
CA GLU B 145 -2.57 7.81 11.27
CA GLU B 145 -2.58 7.79 11.28
C GLU B 145 -1.32 7.05 10.80
C GLU B 145 -1.36 7.06 10.76
N LYS B 146 -1.40 5.73 10.79
CA LYS B 146 -0.25 4.90 10.46
C LYS B 146 -0.69 3.72 9.62
N LYS B 147 0.09 3.43 8.58
N LYS B 147 0.10 3.42 8.59
CA LYS B 147 -0.12 2.19 7.83
CA LYS B 147 -0.11 2.19 7.83
C LYS B 147 0.32 1.02 8.69
C LYS B 147 0.33 1.01 8.67
N MET B 148 -0.57 0.06 8.89
CA MET B 148 -0.30 -1.10 9.74
C MET B 148 -0.75 -2.35 9.00
N VAL B 149 -0.65 -3.49 9.68
CA VAL B 149 -1.39 -4.67 9.30
C VAL B 149 -2.31 -5.09 10.45
N GLU B 150 -3.36 -5.83 10.09
CA GLU B 150 -4.23 -6.52 11.04
C GLU B 150 -3.90 -8.01 11.00
N ILE B 151 -3.53 -8.57 12.17
CA ILE B 151 -3.17 -9.99 12.26
C ILE B 151 -4.41 -10.76 12.64
N ASN B 152 -4.68 -11.86 11.94
CA ASN B 152 -5.86 -12.64 12.23
C ASN B 152 -5.59 -14.10 11.91
N PHE B 153 -6.45 -14.95 12.44
CA PHE B 153 -6.52 -16.36 12.08
C PHE B 153 -5.27 -17.14 12.49
N LEU B 154 -4.61 -16.73 13.56
CA LEU B 154 -3.54 -17.53 14.14
C LEU B 154 -4.15 -18.84 14.63
N CYS B 155 -3.68 -19.95 14.08
CA CYS B 155 -4.28 -21.24 14.37
C CYS B 155 -3.22 -22.33 14.28
N VAL B 156 -3.09 -23.12 15.33
CA VAL B 156 -2.20 -24.27 15.38
C VAL B 156 -3.05 -25.52 15.62
N HIS B 157 -2.84 -26.53 14.79
CA HIS B 157 -3.58 -27.79 14.90
C HIS B 157 -3.59 -28.28 16.35
N LYS B 158 -4.75 -28.81 16.78
CA LYS B 158 -4.89 -29.27 18.16
C LYS B 158 -3.80 -30.26 18.56
N LYS B 159 -3.33 -31.08 17.63
CA LYS B 159 -2.30 -32.06 17.94
C LYS B 159 -0.88 -31.48 17.85
N LEU B 160 -0.75 -30.19 17.57
CA LEU B 160 0.54 -29.50 17.64
C LEU B 160 0.59 -28.47 18.75
N ARG B 161 -0.48 -28.33 19.53
CA ARG B 161 -0.58 -27.28 20.53
C ARG B 161 0.50 -27.43 21.60
N SER B 162 0.83 -26.30 22.21
CA SER B 162 1.74 -26.24 23.36
C SER B 162 3.14 -26.73 23.03
N LYS B 163 3.54 -26.62 21.75
CA LYS B 163 4.89 -26.96 21.31
C LYS B 163 5.61 -25.75 20.71
N ARG B 164 5.20 -24.54 21.11
CA ARG B 164 5.89 -23.29 20.79
C ARG B 164 5.88 -22.97 19.30
N VAL B 165 4.91 -23.49 18.54
CA VAL B 165 4.80 -23.12 17.14
C VAL B 165 4.24 -21.71 16.99
N ALA B 166 3.30 -21.33 17.85
CA ALA B 166 2.68 -20.01 17.76
C ALA B 166 3.70 -18.88 17.81
N PRO B 167 4.69 -18.86 18.72
CA PRO B 167 5.68 -17.79 18.66
C PRO B 167 6.44 -17.76 17.35
N VAL B 168 6.66 -18.92 16.72
CA VAL B 168 7.38 -18.90 15.45
C VAL B 168 6.51 -18.30 14.35
N LEU B 169 5.22 -18.67 14.33
CA LEU B 169 4.30 -18.04 13.39
C LEU B 169 4.26 -16.54 13.57
N ILE B 170 4.29 -16.07 14.83
CA ILE B 170 4.24 -14.64 15.05
C ILE B 170 5.50 -13.95 14.54
N ARG B 171 6.67 -14.54 14.83
N ARG B 171 6.67 -14.52 14.83
CA ARG B 171 7.91 -13.93 14.37
CA ARG B 171 7.90 -13.92 14.35
C ARG B 171 8.04 -13.97 12.85
C ARG B 171 7.97 -13.93 12.83
N GLU B 172 7.49 -15.00 12.21
CA GLU B 172 7.57 -15.08 10.74
C GLU B 172 6.61 -14.09 10.06
N ILE B 173 5.38 -13.98 10.54
CA ILE B 173 4.52 -12.95 9.93
C ILE B 173 5.10 -11.57 10.21
N THR B 174 5.76 -11.39 11.36
CA THR B 174 6.39 -10.10 11.65
C THR B 174 7.47 -9.79 10.63
N ARG B 175 8.35 -10.78 10.38
CA ARG B 175 9.40 -10.63 9.38
C ARG B 175 8.83 -10.30 8.00
N ARG B 176 7.81 -11.05 7.58
CA ARG B 176 7.24 -10.85 6.25
C ARG B 176 6.57 -9.49 6.11
N VAL B 177 6.01 -8.97 7.20
CA VAL B 177 5.42 -7.63 7.18
C VAL B 177 6.53 -6.59 7.18
N HIS B 178 7.60 -6.82 7.96
CA HIS B 178 8.74 -5.92 7.93
C HIS B 178 9.31 -5.77 6.53
N LEU B 179 9.38 -6.86 5.77
CA LEU B 179 9.95 -6.82 4.42
C LEU B 179 9.20 -5.84 3.53
N GLU B 180 7.93 -5.60 3.83
CA GLU B 180 7.13 -4.67 3.06
C GLU B 180 7.14 -3.26 3.63
N GLY B 181 7.98 -3.01 4.64
CA GLY B 181 8.15 -1.69 5.19
C GLY B 181 7.12 -1.28 6.23
N ILE B 182 6.45 -2.24 6.87
CA ILE B 182 5.41 -1.95 7.85
C ILE B 182 5.91 -2.42 9.21
N PHE B 183 5.75 -1.58 10.24
CA PHE B 183 6.37 -1.85 11.53
C PHE B 183 5.39 -1.76 12.69
N GLN B 184 4.09 -1.62 12.42
CA GLN B 184 3.08 -1.69 13.46
C GLN B 184 1.98 -2.66 13.04
N ALA B 185 1.31 -3.24 14.04
CA ALA B 185 0.14 -4.08 13.78
C ALA B 185 -0.90 -3.88 14.87
N VAL B 186 -2.15 -4.16 14.52
CA VAL B 186 -3.26 -4.24 15.47
C VAL B 186 -3.80 -5.66 15.45
N TYR B 187 -4.21 -6.14 16.63
CA TYR B 187 -4.71 -7.50 16.76
C TYR B 187 -5.59 -7.56 18.00
N THR B 188 -6.47 -8.56 18.01
CA THR B 188 -7.32 -8.79 19.16
C THR B 188 -7.15 -10.24 19.61
N ALA B 189 -7.54 -10.51 20.85
CA ALA B 189 -7.50 -11.86 21.38
C ALA B 189 -8.41 -11.94 22.60
N GLY B 190 -8.87 -13.16 22.87
CA GLY B 190 -9.65 -13.43 24.07
C GLY B 190 -8.83 -13.56 25.34
N VAL B 191 -7.52 -13.70 25.22
CA VAL B 191 -6.66 -13.87 26.38
C VAL B 191 -5.92 -12.55 26.63
N VAL B 192 -5.44 -12.39 27.87
CA VAL B 192 -4.71 -11.19 28.25
C VAL B 192 -3.22 -11.41 27.98
N LEU B 193 -2.63 -10.50 27.23
CA LEU B 193 -1.20 -10.47 26.92
C LEU B 193 -0.68 -9.08 27.20
N PRO B 194 0.65 -8.92 27.23
CA PRO B 194 1.13 -7.53 27.27
C PRO B 194 0.88 -6.88 25.92
N LYS B 195 0.20 -5.73 25.84
CA LYS B 195 -0.59 -5.13 26.90
C LYS B 195 -1.83 -4.54 26.21
N PRO B 196 -3.03 -4.81 26.73
CA PRO B 196 -4.24 -4.39 26.02
C PRO B 196 -4.29 -2.87 25.85
N VAL B 197 -4.61 -2.43 24.63
CA VAL B 197 -4.90 -1.02 24.42
C VAL B 197 -6.35 -0.71 24.76
N GLY B 198 -7.22 -1.73 24.78
CA GLY B 198 -8.58 -1.61 25.22
C GLY B 198 -9.20 -2.98 25.45
N THR B 199 -10.18 -3.05 26.34
CA THR B 199 -10.83 -4.31 26.66
C THR B 199 -12.31 -4.19 26.35
N CYS B 200 -12.81 -5.05 25.49
CA CYS B 200 -14.22 -5.07 25.14
C CYS B 200 -14.87 -6.37 25.62
N ARG B 201 -16.19 -6.34 25.63
CA ARG B 201 -16.99 -7.44 26.12
C ARG B 201 -18.04 -7.75 25.07
N TYR B 202 -18.21 -9.04 24.75
CA TYR B 202 -19.30 -9.42 23.86
C TYR B 202 -20.63 -9.46 24.62
N TRP B 203 -21.69 -9.05 23.93
CA TRP B 203 -23.06 -9.19 24.38
C TRP B 203 -23.86 -9.91 23.31
N HIS B 204 -24.94 -10.58 23.72
CA HIS B 204 -25.73 -11.42 22.82
C HIS B 204 -27.20 -11.05 22.93
N ARG B 205 -27.88 -10.97 21.78
CA ARG B 205 -29.30 -10.68 21.71
C ARG B 205 -29.99 -11.88 21.08
N SER B 206 -30.75 -12.62 21.90
CA SER B 206 -31.49 -13.79 21.39
C SER B 206 -32.50 -13.35 20.33
N LEU B 207 -32.49 -14.07 19.22
CA LEU B 207 -33.45 -13.91 18.15
C LEU B 207 -34.35 -15.12 18.02
N ASN B 208 -33.77 -16.30 18.21
CA ASN B 208 -34.48 -17.57 18.16
C ASN B 208 -34.24 -18.28 19.50
N PRO B 209 -34.88 -17.80 20.57
CA PRO B 209 -34.53 -18.29 21.91
C PRO B 209 -34.73 -19.79 22.07
N ARG B 210 -35.76 -20.35 21.40
CA ARG B 210 -36.01 -21.78 21.51
C ARG B 210 -34.82 -22.60 21.05
N LYS B 211 -34.20 -22.21 19.94
CA LYS B 211 -33.02 -22.94 19.48
C LYS B 211 -31.83 -22.70 20.39
N LEU B 212 -31.64 -21.46 20.85
CA LEU B 212 -30.49 -21.15 21.69
C LEU B 212 -30.52 -21.93 23.00
N ILE B 213 -31.71 -22.12 23.58
CA ILE B 213 -31.82 -22.93 24.79
C ILE B 213 -31.66 -24.41 24.46
N GLU B 214 -32.22 -24.85 23.33
CA GLU B 214 -32.10 -26.25 22.92
C GLU B 214 -30.65 -26.69 22.82
N VAL B 215 -29.82 -25.88 22.14
CA VAL B 215 -28.42 -26.25 21.91
C VAL B 215 -27.57 -25.79 23.08
N LYS B 216 -28.21 -25.29 24.14
CA LYS B 216 -27.54 -24.87 25.36
C LYS B 216 -26.59 -23.69 25.14
N PHE B 217 -26.82 -22.89 24.09
CA PHE B 217 -26.13 -21.61 23.98
C PHE B 217 -26.59 -20.67 25.07
N SER B 218 -27.88 -20.69 25.39
CA SER B 218 -28.42 -19.94 26.53
C SER B 218 -29.20 -20.90 27.40
N HIS B 219 -29.55 -20.45 28.59
CA HIS B 219 -30.35 -21.26 29.48
C HIS B 219 -31.57 -20.48 29.93
N LEU B 220 -32.68 -21.21 30.05
CA LEU B 220 -33.91 -20.67 30.58
C LEU B 220 -33.66 -19.99 31.91
N SER B 221 -33.92 -18.69 31.97
CA SER B 221 -33.66 -17.95 33.21
C SER B 221 -34.64 -18.39 34.29
N ARG B 222 -34.11 -18.61 35.49
CA ARG B 222 -34.91 -19.10 36.62
C ARG B 222 -35.53 -17.97 37.43
N ASN B 223 -36.86 -17.83 37.33
CA ASN B 223 -37.66 -18.77 36.56
C ASN B 223 -38.61 -18.08 35.58
N MET B 224 -38.48 -18.45 34.31
CA MET B 224 -39.39 -18.06 33.24
C MET B 224 -39.70 -19.29 32.42
N THR B 225 -40.91 -19.34 31.86
CA THR B 225 -41.22 -20.43 30.95
C THR B 225 -40.55 -20.19 29.60
N MET B 226 -40.59 -21.22 28.75
CA MET B 226 -40.20 -21.02 27.37
C MET B 226 -41.14 -20.04 26.68
N GLN B 227 -42.43 -20.10 27.00
CA GLN B 227 -43.40 -19.19 26.38
C GLN B 227 -43.12 -17.75 26.77
N ARG B 228 -42.82 -17.49 28.04
CA ARG B 228 -42.54 -16.13 28.47
C ARG B 228 -41.24 -15.62 27.85
N THR B 229 -40.30 -16.51 27.58
CA THR B 229 -39.02 -16.11 27.03
C THR B 229 -39.16 -15.66 25.57
N MET B 230 -39.91 -16.42 24.78
CA MET B 230 -40.13 -16.02 23.39
C MET B 230 -40.90 -14.72 23.31
N LYS B 231 -41.85 -14.50 24.23
CA LYS B 231 -42.57 -13.22 24.26
C LYS B 231 -41.62 -12.08 24.56
N LEU B 232 -40.71 -12.28 25.51
CA LEU B 232 -39.74 -11.23 25.84
C LEU B 232 -38.93 -10.81 24.62
N TYR B 233 -38.49 -11.79 23.82
CA TYR B 233 -37.58 -11.55 22.72
C TYR B 233 -38.28 -11.39 21.38
N ARG B 234 -39.62 -11.42 21.36
CA ARG B 234 -40.36 -11.24 20.12
C ARG B 234 -40.03 -9.91 19.47
N LEU B 235 -39.90 -9.92 18.15
CA LEU B 235 -39.58 -8.71 17.41
C LEU B 235 -40.62 -8.49 16.33
N PRO B 236 -40.83 -7.23 15.92
CA PRO B 236 -41.73 -6.99 14.79
C PRO B 236 -41.22 -7.65 13.52
N GLU B 237 -42.13 -7.81 12.56
CA GLU B 237 -41.80 -8.54 11.34
C GLU B 237 -41.10 -7.68 10.29
N THR B 238 -41.19 -6.36 10.40
CA THR B 238 -40.53 -5.46 9.46
C THR B 238 -39.94 -4.29 10.23
N PRO B 239 -38.87 -3.68 9.74
CA PRO B 239 -38.25 -2.56 10.45
C PRO B 239 -39.10 -1.29 10.38
N LYS B 240 -38.85 -0.41 11.35
CA LYS B 240 -39.66 0.79 11.51
C LYS B 240 -39.10 2.01 10.79
N THR B 241 -37.79 2.04 10.51
CA THR B 241 -37.18 3.27 10.01
C THR B 241 -37.56 3.52 8.57
N ALA B 242 -38.04 4.74 8.31
CA ALA B 242 -38.44 5.12 6.97
C ALA B 242 -37.24 5.16 6.04
N GLY B 243 -37.36 4.54 4.88
CA GLY B 243 -36.35 4.64 3.84
C GLY B 243 -35.20 3.65 3.95
N LEU B 244 -35.34 2.63 4.80
CA LEU B 244 -34.31 1.63 4.99
C LEU B 244 -34.31 0.65 3.82
N ARG B 245 -33.14 0.39 3.25
CA ARG B 245 -33.02 -0.51 2.11
C ARG B 245 -31.59 -1.03 2.07
N PRO B 246 -31.35 -2.13 1.38
CA PRO B 246 -29.96 -2.61 1.26
C PRO B 246 -29.07 -1.58 0.56
N MET B 247 -27.83 -1.52 1.01
CA MET B 247 -26.81 -0.72 0.33
C MET B 247 -26.63 -1.17 -1.12
N GLU B 248 -26.46 -0.20 -2.02
CA GLU B 248 -26.21 -0.44 -3.44
C GLU B 248 -24.91 0.21 -3.85
N THR B 249 -24.47 -0.09 -5.08
CA THR B 249 -23.23 0.49 -5.61
C THR B 249 -23.23 2.01 -5.53
N LYS B 250 -24.37 2.65 -5.84
CA LYS B 250 -24.42 4.11 -5.83
C LYS B 250 -24.24 4.68 -4.42
N ASP B 251 -24.43 3.86 -3.38
CA ASP B 251 -24.26 4.29 -2.00
C ASP B 251 -22.81 4.26 -1.52
N ILE B 252 -21.89 3.68 -2.28
CA ILE B 252 -20.51 3.53 -1.82
C ILE B 252 -19.90 4.87 -1.39
N PRO B 253 -19.94 5.95 -2.20
CA PRO B 253 -19.33 7.20 -1.73
C PRO B 253 -19.93 7.74 -0.45
N VAL B 254 -21.26 7.77 -0.33
CA VAL B 254 -21.87 8.39 0.84
C VAL B 254 -21.66 7.52 2.08
N VAL B 255 -21.68 6.19 1.93
CA VAL B 255 -21.33 5.33 3.07
C VAL B 255 -19.89 5.60 3.49
N HIS B 256 -18.99 5.75 2.52
CA HIS B 256 -17.62 6.13 2.85
C HIS B 256 -17.57 7.45 3.60
N GLN B 257 -18.31 8.45 3.10
CA GLN B 257 -18.33 9.74 3.78
C GLN B 257 -18.94 9.64 5.19
N LEU B 258 -20.09 8.97 5.32
CA LEU B 258 -20.71 8.82 6.63
C LEU B 258 -19.76 8.12 7.62
N LEU B 259 -19.14 7.04 7.19
CA LEU B 259 -18.25 6.28 8.09
C LEU B 259 -17.08 7.14 8.56
N THR B 260 -16.43 7.84 7.62
CA THR B 260 -15.22 8.59 7.96
C THR B 260 -15.51 9.67 8.98
N ARG B 261 -16.60 10.43 8.79
CA ARG B 261 -16.94 11.49 9.73
C ARG B 261 -17.36 10.90 11.08
N TYR B 262 -18.09 9.79 11.06
CA TYR B 262 -18.57 9.20 12.32
C TYR B 262 -17.41 8.65 13.16
N LEU B 263 -16.39 8.08 12.51
CA LEU B 263 -15.32 7.42 13.27
C LEU B 263 -14.39 8.40 13.96
N LYS B 264 -14.45 9.69 13.63
CA LYS B 264 -13.47 10.63 14.17
C LYS B 264 -13.60 10.79 15.69
N GLN B 265 -14.79 10.56 16.25
CA GLN B 265 -14.99 10.70 17.69
C GLN B 265 -14.27 9.63 18.51
N PHE B 266 -13.83 8.53 17.90
CA PHE B 266 -13.17 7.47 18.65
C PHE B 266 -11.65 7.58 18.55
N HIS B 267 -10.94 6.76 19.35
CA HIS B 267 -9.49 6.86 19.45
C HIS B 267 -8.73 5.74 18.74
N LEU B 268 -9.39 4.65 18.37
CA LEU B 268 -8.77 3.58 17.59
C LEU B 268 -9.75 3.22 16.49
N THR B 269 -9.43 3.55 15.25
CA THR B 269 -10.36 3.36 14.15
C THR B 269 -9.61 2.98 12.89
N PRO B 270 -10.28 2.38 11.92
CA PRO B 270 -9.70 2.25 10.59
C PRO B 270 -9.89 3.54 9.80
N VAL B 271 -8.98 3.77 8.86
CA VAL B 271 -9.13 4.81 7.86
C VAL B 271 -9.27 4.10 6.52
N MET B 272 -10.50 4.06 5.99
CA MET B 272 -10.80 3.29 4.80
C MET B 272 -10.83 4.18 3.56
N SER B 273 -10.23 3.68 2.48
CA SER B 273 -10.44 4.27 1.16
C SER B 273 -11.85 3.93 0.68
N GLN B 274 -12.25 4.58 -0.41
CA GLN B 274 -13.56 4.27 -0.98
C GLN B 274 -13.57 2.81 -1.47
N GLU B 275 -12.45 2.34 -2.01
CA GLU B 275 -12.36 0.95 -2.43
C GLU B 275 -12.43 -0.01 -1.25
N GLU B 276 -11.86 0.37 -0.10
CA GLU B 276 -12.01 -0.47 1.08
C GLU B 276 -13.44 -0.45 1.60
N VAL B 277 -14.14 0.69 1.50
CA VAL B 277 -15.54 0.71 1.91
C VAL B 277 -16.36 -0.25 1.05
N GLU B 278 -16.11 -0.24 -0.26
CA GLU B 278 -16.82 -1.17 -1.12
C GLU B 278 -16.60 -2.60 -0.68
N HIS B 279 -15.34 -2.98 -0.47
CA HIS B 279 -15.05 -4.35 -0.06
C HIS B 279 -15.74 -4.70 1.26
N TRP B 280 -15.59 -3.85 2.27
CA TRP B 280 -16.05 -4.26 3.61
C TRP B 280 -17.56 -4.16 3.78
N PHE B 281 -18.24 -3.33 2.99
CA PHE B 281 -19.66 -3.05 3.24
C PHE B 281 -20.62 -3.44 2.13
N TYR B 282 -20.17 -3.56 0.89
CA TYR B 282 -21.09 -3.91 -0.18
C TYR B 282 -21.70 -5.29 0.10
N PRO B 283 -23.02 -5.41 0.13
CA PRO B 283 -23.64 -6.65 0.63
C PRO B 283 -23.22 -7.88 -0.19
N GLN B 284 -22.91 -8.95 0.54
CA GLN B 284 -22.66 -10.27 -0.04
C GLN B 284 -23.43 -11.26 0.82
N GLU B 285 -24.33 -12.01 0.19
CA GLU B 285 -25.22 -12.89 0.95
C GLU B 285 -24.42 -13.89 1.78
N ASN B 286 -24.85 -14.06 3.03
CA ASN B 286 -24.25 -14.96 4.01
C ASN B 286 -22.84 -14.54 4.41
N ILE B 287 -22.46 -13.29 4.14
CA ILE B 287 -21.17 -12.76 4.55
C ILE B 287 -21.33 -11.41 5.24
N ILE B 288 -21.79 -10.41 4.49
CA ILE B 288 -21.91 -9.05 5.01
C ILE B 288 -23.23 -8.45 4.54
N ASP B 289 -23.96 -7.86 5.48
CA ASP B 289 -25.19 -7.13 5.18
C ASP B 289 -25.01 -5.67 5.57
N THR B 290 -25.40 -4.78 4.67
CA THR B 290 -25.41 -3.35 4.94
C THR B 290 -26.73 -2.79 4.46
N PHE B 291 -27.40 -2.02 5.31
CA PHE B 291 -28.65 -1.35 4.97
C PHE B 291 -28.46 0.13 5.22
N VAL B 292 -28.92 0.96 4.28
CA VAL B 292 -28.82 2.41 4.41
C VAL B 292 -30.21 3.00 4.62
N VAL B 293 -30.24 4.17 5.24
CA VAL B 293 -31.48 4.96 5.35
C VAL B 293 -31.43 6.05 4.30
N GLU B 294 -32.27 5.94 3.28
CA GLU B 294 -32.43 6.98 2.28
C GLU B 294 -33.73 7.73 2.57
N ASN B 295 -33.61 9.02 2.91
CA ASN B 295 -34.75 9.73 3.47
C ASN B 295 -35.66 10.26 2.35
N ALA B 296 -36.64 11.08 2.75
CA ALA B 296 -37.64 11.57 1.81
C ALA B 296 -37.06 12.53 0.78
N ASN B 297 -35.88 13.10 1.06
CA ASN B 297 -35.16 13.92 0.10
C ASN B 297 -34.18 13.12 -0.75
N GLY B 298 -34.19 11.80 -0.63
CA GLY B 298 -33.23 10.95 -1.32
C GLY B 298 -31.84 10.95 -0.74
N GLU B 299 -31.64 11.53 0.43
CA GLU B 299 -30.34 11.61 1.09
C GLU B 299 -30.13 10.37 1.96
N VAL B 300 -28.96 9.76 1.86
CA VAL B 300 -28.56 8.67 2.75
C VAL B 300 -27.98 9.29 4.01
N THR B 301 -28.60 9.01 5.16
CA THR B 301 -28.24 9.68 6.40
C THR B 301 -27.68 8.77 7.48
N ASP B 302 -27.84 7.45 7.35
CA ASP B 302 -27.47 6.48 8.37
C ASP B 302 -27.23 5.16 7.66
N PHE B 303 -26.47 4.28 8.31
CA PHE B 303 -26.44 2.90 7.84
C PHE B 303 -26.09 1.97 9.00
N LEU B 304 -26.48 0.71 8.82
CA LEU B 304 -26.21 -0.35 9.77
C LEU B 304 -25.61 -1.52 9.01
N SER B 305 -24.79 -2.30 9.70
CA SER B 305 -24.16 -3.44 9.06
C SER B 305 -23.84 -4.53 10.09
N PHE B 306 -23.89 -5.77 9.64
CA PHE B 306 -23.51 -6.92 10.45
C PHE B 306 -22.99 -8.00 9.52
N TYR B 307 -21.99 -8.77 10.00
CA TYR B 307 -21.50 -9.90 9.21
C TYR B 307 -21.99 -11.23 9.76
N THR B 308 -21.89 -12.25 8.91
CA THR B 308 -22.40 -13.58 9.17
C THR B 308 -21.26 -14.48 9.63
N LEU B 309 -21.39 -15.09 10.81
CA LEU B 309 -20.39 -16.03 11.28
C LEU B 309 -21.08 -17.11 12.10
N PRO B 310 -21.48 -18.19 11.47
CA PRO B 310 -22.10 -19.30 12.21
C PRO B 310 -21.05 -20.02 13.06
N SER B 311 -21.54 -20.91 13.91
CA SER B 311 -20.68 -21.72 14.74
C SER B 311 -21.15 -23.16 14.77
N THR B 312 -20.20 -24.08 14.62
CA THR B 312 -20.49 -25.50 14.75
C THR B 312 -20.90 -25.79 16.18
N ILE B 313 -21.95 -26.60 16.33
CA ILE B 313 -22.36 -27.09 17.64
C ILE B 313 -21.46 -28.30 17.95
N MET B 314 -20.45 -28.10 18.79
CA MET B 314 -19.38 -29.09 18.93
C MET B 314 -19.91 -30.44 19.39
N ASN B 315 -20.92 -30.45 20.25
CA ASN B 315 -21.48 -31.72 20.72
C ASN B 315 -22.37 -32.37 19.67
N HIS B 316 -23.05 -31.59 18.84
CA HIS B 316 -23.89 -32.10 17.76
C HIS B 316 -23.44 -31.45 16.45
N PRO B 317 -22.36 -31.97 15.84
CA PRO B 317 -21.88 -31.44 14.56
C PRO B 317 -22.81 -31.77 13.39
N LYS B 320 -27.32 -29.23 13.81
CA LYS B 320 -27.29 -28.29 12.70
C LYS B 320 -26.13 -27.31 12.87
N SER B 321 -26.44 -26.01 12.89
CA SER B 321 -25.42 -24.97 13.04
C SER B 321 -26.05 -23.73 13.68
N LEU B 322 -25.25 -23.04 14.47
CA LEU B 322 -25.71 -21.85 15.19
C LEU B 322 -25.43 -20.61 14.33
N LYS B 323 -26.47 -19.94 13.88
CA LYS B 323 -26.33 -18.83 12.94
C LYS B 323 -26.26 -17.51 13.71
N ALA B 324 -25.08 -16.88 13.69
CA ALA B 324 -24.84 -15.67 14.47
C ALA B 324 -24.55 -14.49 13.54
N ALA B 325 -25.11 -13.34 13.89
CA ALA B 325 -24.79 -12.08 13.23
C ALA B 325 -23.96 -11.24 14.18
N TYR B 326 -22.95 -10.57 13.63
CA TYR B 326 -22.05 -9.74 14.42
C TYR B 326 -22.20 -8.31 13.97
N SER B 327 -22.57 -7.42 14.90
CA SER B 327 -22.60 -6.00 14.59
C SER B 327 -21.25 -5.56 14.05
N PHE B 328 -21.26 -4.79 12.96
CA PHE B 328 -20.04 -4.36 12.30
C PHE B 328 -19.89 -2.87 12.54
N TYR B 329 -20.21 -2.00 11.59
CA TYR B 329 -20.20 -0.56 11.82
C TYR B 329 -21.61 -0.01 11.65
N ASN B 330 -22.04 0.79 12.62
CA ASN B 330 -23.36 1.41 12.59
C ASN B 330 -23.20 2.91 12.73
N VAL B 331 -23.59 3.65 11.69
CA VAL B 331 -23.41 5.10 11.64
C VAL B 331 -24.79 5.74 11.63
N HIS B 332 -25.01 6.69 12.52
CA HIS B 332 -26.27 7.41 12.62
C HIS B 332 -25.98 8.90 12.59
N THR B 333 -26.67 9.62 11.70
CA THR B 333 -26.68 11.08 11.74
C THR B 333 -28.08 11.68 11.87
N GLN B 334 -29.13 10.93 11.52
CA GLN B 334 -30.49 11.46 11.63
C GLN B 334 -31.46 10.47 12.26
N THR B 335 -31.25 9.18 12.05
CA THR B 335 -32.00 8.15 12.76
C THR B 335 -31.34 7.90 14.12
N PRO B 336 -32.09 7.81 15.21
CA PRO B 336 -31.47 7.48 16.50
C PRO B 336 -30.81 6.11 16.44
N LEU B 337 -29.61 6.01 17.06
CA LEU B 337 -28.91 4.73 17.06
C LEU B 337 -29.80 3.61 17.60
N LEU B 338 -30.58 3.90 18.64
CA LEU B 338 -31.45 2.89 19.23
C LEU B 338 -32.40 2.30 18.19
N ASP B 339 -32.98 3.17 17.35
CA ASP B 339 -33.89 2.72 16.29
C ASP B 339 -33.16 1.93 15.22
N LEU B 340 -31.99 2.42 14.81
CA LEU B 340 -31.15 1.71 13.85
C LEU B 340 -30.86 0.29 14.30
N MET B 341 -30.47 0.11 15.56
CA MET B 341 -30.14 -1.23 16.00
C MET B 341 -31.39 -2.06 16.18
N SER B 342 -32.51 -1.46 16.61
CA SER B 342 -33.75 -2.23 16.66
C SER B 342 -34.05 -2.84 15.29
N ASP B 343 -33.91 -2.04 14.24
CA ASP B 343 -34.14 -2.56 12.89
C ASP B 343 -33.07 -3.56 12.47
N ALA B 344 -31.83 -3.40 12.94
CA ALA B 344 -30.83 -4.43 12.68
C ALA B 344 -31.27 -5.78 13.22
N LEU B 345 -31.76 -5.82 14.47
CA LEU B 345 -32.24 -7.07 15.04
C LEU B 345 -33.38 -7.65 14.20
N VAL B 346 -34.34 -6.80 13.81
CA VAL B 346 -35.46 -7.24 12.99
C VAL B 346 -34.97 -7.86 11.70
N LEU B 347 -34.03 -7.19 11.03
CA LEU B 347 -33.51 -7.71 9.77
C LEU B 347 -32.75 -9.02 9.95
N ALA B 348 -31.93 -9.12 11.00
CA ALA B 348 -31.23 -10.38 11.25
C ALA B 348 -32.22 -11.50 11.52
N LYS B 349 -33.29 -11.21 12.29
CA LYS B 349 -34.31 -12.22 12.53
C LYS B 349 -34.96 -12.64 11.22
N MET B 350 -35.35 -11.67 10.40
CA MET B 350 -35.88 -11.97 9.07
C MET B 350 -34.95 -12.87 8.29
N LYS B 351 -33.64 -12.62 8.36
CA LYS B 351 -32.69 -13.38 7.58
C LYS B 351 -32.37 -14.74 8.20
N GLY B 352 -32.97 -15.09 9.33
CA GLY B 352 -32.80 -16.41 9.90
C GLY B 352 -31.68 -16.56 10.92
N PHE B 353 -31.12 -15.47 11.42
CA PHE B 353 -30.12 -15.57 12.47
C PHE B 353 -30.75 -16.00 13.80
N ASP B 354 -30.00 -16.80 14.56
CA ASP B 354 -30.44 -17.23 15.88
C ASP B 354 -30.04 -16.24 16.98
N VAL B 355 -28.95 -15.52 16.78
CA VAL B 355 -28.46 -14.61 17.80
C VAL B 355 -27.77 -13.45 17.10
N PHE B 356 -27.79 -12.28 17.75
CA PHE B 356 -27.15 -11.07 17.25
C PHE B 356 -26.10 -10.66 18.28
N ASN B 357 -24.85 -10.64 17.86
CA ASN B 357 -23.74 -10.34 18.75
C ASN B 357 -23.21 -8.93 18.50
N ALA B 358 -22.88 -8.24 19.59
CA ALA B 358 -22.30 -6.91 19.50
C ALA B 358 -21.36 -6.72 20.68
N LEU B 359 -20.31 -5.96 20.45
CA LEU B 359 -19.38 -5.59 21.50
C LEU B 359 -19.87 -4.31 22.19
N ASP B 360 -19.24 -3.98 23.32
CA ASP B 360 -19.55 -2.76 24.04
C ASP B 360 -18.68 -1.57 23.61
N LEU B 361 -18.09 -1.62 22.41
CA LEU B 361 -17.30 -0.51 21.91
C LEU B 361 -18.17 0.55 21.23
N MET B 362 -17.53 1.60 20.73
CA MET B 362 -18.20 2.78 20.12
C MET B 362 -19.32 3.22 21.07
N GLU B 363 -20.55 3.44 20.57
CA GLU B 363 -21.66 3.89 21.41
C GLU B 363 -22.61 2.76 21.79
N ASN B 364 -22.16 1.51 21.69
CA ASN B 364 -23.08 0.39 21.79
C ASN B 364 -23.66 0.25 23.19
N LYS B 365 -22.95 0.70 24.23
CA LYS B 365 -23.52 0.62 25.58
C LYS B 365 -24.84 1.38 25.68
N THR B 366 -25.03 2.38 24.83
CA THR B 366 -26.27 3.15 24.86
C THR B 366 -27.48 2.30 24.45
N PHE B 367 -27.28 1.15 23.80
CA PHE B 367 -28.44 0.36 23.36
C PHE B 367 -28.45 -1.09 23.80
N LEU B 368 -27.35 -1.63 24.34
CA LEU B 368 -27.29 -3.05 24.63
C LEU B 368 -28.42 -3.48 25.57
N GLU B 369 -28.48 -2.89 26.77
CA GLU B 369 -29.51 -3.29 27.73
C GLU B 369 -30.91 -2.91 27.23
N LYS B 370 -31.06 -1.67 26.75
CA LYS B 370 -32.36 -1.22 26.23
C LYS B 370 -32.94 -2.19 25.21
N LEU B 371 -32.09 -2.82 24.39
CA LEU B 371 -32.58 -3.74 23.37
C LEU B 371 -32.50 -5.20 23.82
N LYS B 372 -32.33 -5.45 25.12
CA LYS B 372 -32.42 -6.77 25.71
C LYS B 372 -31.23 -7.66 25.34
N PHE B 373 -30.08 -7.06 25.04
CA PHE B 373 -28.84 -7.83 24.97
C PHE B 373 -28.48 -8.34 26.36
N GLY B 374 -27.90 -9.54 26.43
CA GLY B 374 -27.33 -10.07 27.65
C GLY B 374 -25.81 -10.16 27.53
N ILE B 375 -25.12 -9.95 28.64
CA ILE B 375 -23.65 -9.91 28.61
C ILE B 375 -23.09 -11.32 28.44
N GLY B 376 -22.02 -11.43 27.63
CA GLY B 376 -21.33 -12.70 27.47
C GLY B 376 -20.21 -12.87 28.49
N ASP B 377 -19.62 -14.06 28.49
CA ASP B 377 -18.62 -14.37 29.51
C ASP B 377 -17.20 -14.04 29.09
N GLY B 378 -16.93 -13.88 27.80
CA GLY B 378 -15.59 -13.61 27.36
C GLY B 378 -15.16 -12.16 27.52
N ASN B 379 -13.92 -11.90 27.14
CA ASN B 379 -13.40 -10.57 26.89
C ASN B 379 -12.76 -10.58 25.51
N LEU B 380 -12.84 -9.45 24.81
CA LEU B 380 -12.08 -9.26 23.58
C LEU B 380 -11.09 -8.13 23.82
N GLN B 381 -9.82 -8.46 23.99
N GLN B 381 -9.82 -8.47 23.95
CA GLN B 381 -8.77 -7.47 24.19
CA GLN B 381 -8.75 -7.50 24.18
C GLN B 381 -8.22 -7.00 22.86
C GLN B 381 -8.21 -7.00 22.85
N TYR B 382 -7.94 -5.70 22.77
CA TYR B 382 -7.34 -5.08 21.60
C TYR B 382 -5.88 -4.79 21.89
N TYR B 383 -5.02 -4.99 20.90
CA TYR B 383 -3.58 -4.78 21.06
C TYR B 383 -2.99 -4.08 19.86
N LEU B 384 -1.94 -3.31 20.12
CA LEU B 384 -1.09 -2.75 19.08
C LEU B 384 0.31 -3.33 19.25
N TYR B 385 0.97 -3.63 18.12
CA TYR B 385 2.34 -4.13 18.14
C TYR B 385 3.27 -2.98 17.77
N ASN B 386 4.28 -2.76 18.62
CA ASN B 386 5.29 -1.73 18.39
C ASN B 386 4.67 -0.33 18.37
N TRP B 387 3.63 -0.13 19.18
CA TRP B 387 3.06 1.20 19.36
C TRP B 387 2.61 1.31 20.81
N LYS B 388 3.28 2.17 21.55
CA LYS B 388 3.04 2.37 22.97
C LYS B 388 2.20 3.63 23.15
N CYS B 389 0.99 3.48 23.66
CA CYS B 389 0.07 4.60 23.82
C CYS B 389 -0.80 4.33 25.03
N PRO B 390 -1.43 5.36 25.60
CA PRO B 390 -2.36 5.11 26.71
C PRO B 390 -3.49 4.18 26.30
N SER B 391 -3.96 3.40 27.26
CA SER B 391 -5.13 2.58 27.01
C SER B 391 -6.38 3.46 26.94
N MET B 392 -7.46 2.86 26.48
CA MET B 392 -8.72 3.58 26.32
C MET B 392 -9.87 2.69 26.78
N GLY B 393 -10.94 3.33 27.25
CA GLY B 393 -12.15 2.62 27.55
C GLY B 393 -12.78 2.06 26.30
N ALA B 394 -13.62 1.04 26.49
CA ALA B 394 -14.25 0.35 25.35
C ALA B 394 -15.02 1.30 24.45
N GLU B 395 -15.62 2.36 25.01
CA GLU B 395 -16.43 3.26 24.20
C GLU B 395 -15.58 4.16 23.30
N LYS B 396 -14.27 4.14 23.46
CA LYS B 396 -13.41 4.89 22.55
C LYS B 396 -12.80 4.01 21.47
N VAL B 397 -12.99 2.70 21.55
CA VAL B 397 -12.57 1.76 20.51
C VAL B 397 -13.57 1.83 19.36
N GLY B 398 -13.09 2.17 18.16
CA GLY B 398 -13.93 2.27 16.97
C GLY B 398 -13.42 1.40 15.84
N LEU B 399 -13.00 0.19 16.17
CA LEU B 399 -12.41 -0.76 15.22
C LEU B 399 -13.01 -2.14 15.47
N VAL B 400 -13.60 -2.72 14.44
CA VAL B 400 -14.19 -4.05 14.50
C VAL B 400 -13.47 -4.95 13.50
N LEU B 401 -12.96 -6.08 13.98
CA LEU B 401 -12.25 -7.03 13.13
C LEU B 401 -13.10 -8.28 12.94
N GLN B 402 -12.80 -9.03 11.88
CA GLN B 402 -13.62 -10.18 11.47
C GLN B 402 -13.23 -11.45 12.20
N GLY C 2 14.36 10.91 -18.12
CA GLY C 2 13.64 12.00 -17.50
C GLY C 2 12.18 12.09 -17.95
N LYS C 3 11.61 13.29 -17.90
CA LYS C 3 10.53 13.68 -18.80
C LYS C 3 11.04 14.78 -19.73
N SER C 4 12.27 14.63 -20.17
CA SER C 4 12.98 15.68 -20.90
C SER C 4 14.22 15.04 -21.49
N PHE C 5 14.32 15.07 -22.82
CA PHE C 5 15.48 14.54 -23.52
C PHE C 5 16.49 15.68 -23.66
N SER C 6 17.57 15.60 -22.90
CA SER C 6 18.60 16.62 -22.89
C SER C 6 19.75 16.23 -23.81
N LYS C 7 20.48 17.26 -24.26
CA LYS C 7 21.69 17.13 -25.06
C LYS C 7 22.69 18.15 -24.55
N PRO C 8 23.99 17.90 -24.70
CA PRO C 8 24.98 18.89 -24.27
C PRO C 8 24.73 20.26 -24.90
N ARG C 9 24.66 21.28 -24.05
CA ARG C 9 24.45 22.65 -24.51
C ARG C 9 25.68 23.18 -25.25
N GLY D 2 -15.23 -12.65 16.72
CA GLY D 2 -14.16 -12.26 17.60
C GLY D 2 -12.90 -13.07 17.32
N LYS D 3 -11.76 -12.61 17.83
CA LYS D 3 -10.73 -13.55 18.23
C LYS D 3 -11.14 -14.24 19.52
N SER D 4 -12.40 -14.03 19.88
CA SER D 4 -13.01 -14.41 21.14
C SER D 4 -14.35 -15.07 20.82
N PHE D 5 -14.71 -16.08 21.58
CA PHE D 5 -15.96 -16.80 21.42
C PHE D 5 -16.73 -16.74 22.73
N SER D 6 -17.98 -16.32 22.66
CA SER D 6 -18.77 -16.03 23.85
C SER D 6 -20.16 -16.65 23.73
N LYS D 7 -20.73 -16.90 24.90
CA LYS D 7 -22.11 -17.33 25.09
C LYS D 7 -22.63 -16.58 26.31
N PRO D 8 -23.95 -16.43 26.44
CA PRO D 8 -24.48 -15.65 27.57
C PRO D 8 -24.19 -16.32 28.90
N ARG D 9 -23.68 -15.53 29.84
CA ARG D 9 -23.34 -16.00 31.17
C ARG D 9 -24.61 -16.34 31.96
#